data_3LPX
#
_entry.id   3LPX
#
_cell.length_a   98.979
_cell.length_b   101.555
_cell.length_c   141.827
_cell.angle_alpha   90.00
_cell.angle_beta   90.00
_cell.angle_gamma   90.00
#
_symmetry.space_group_name_H-M   'P 21 21 21'
#
loop_
_entity.id
_entity.type
_entity.pdbx_description
1 polymer 'DNA gyrase, A subunit'
2 water water
#
_entity_poly.entity_id   1
_entity_poly.type   'polypeptide(L)'
_entity_poly.pdbx_seq_one_letter_code
;MRALPDVRDGLKPVHRRVLFAMDVLGNDWNKAYKKSARVVGDVIGKYHPHGDTAVYDTIVRMAQPFSLRYMLVDGQGNFG
SVDGDSAAAMRYTEIRMSKIAHSILADLDKETVDFVPNYDGTEHIPAVMPTRVPNLLVNGTSGIAVGMATNIPPHNLTEV
INACLALIDNSELTFEEILEHIPGPDFPTAGIISGRAGIEEAYRTGRGKIKIRARASIDVHETTGKETIIVHELPYQVNK
ARLIEKMAELVKDKRLEGISALRDESDKDGMRMVIEIKRGEVGEVVLNNLYKLTQMQVSFGLNMVALTNGQPKIFNIKEM
LEAFVLHRREVVTRRTIFELRKARDRAHILEGLSIALANIDPIIEMIKNSNNRKESEEKLISQGWELGNVANMLSEAGND
AARPEWLEPEYGIRDGLYYLTAEQAKAIVDLQLYKLSGMEHDKILSEYKALLDLIAELMHILATPARLMEVICEELVAIR
DEFGDERRTEITLEHHHHHH
;
_entity_poly.pdbx_strand_id   A,B
#
# COMPACT_ATOMS: atom_id res chain seq x y z
N ALA A 3 17.43 2.46 18.67
CA ALA A 3 17.41 0.98 18.69
C ALA A 3 18.75 0.38 18.25
N LEU A 4 18.89 -0.92 18.51
CA LEU A 4 20.08 -1.68 18.17
C LEU A 4 19.63 -2.79 17.22
N PRO A 5 20.54 -3.30 16.39
CA PRO A 5 20.14 -4.37 15.46
C PRO A 5 20.29 -5.76 16.08
N ASP A 6 19.52 -6.72 15.55
CA ASP A 6 19.57 -8.09 16.03
C ASP A 6 20.92 -8.63 15.59
N VAL A 7 21.56 -9.44 16.44
CA VAL A 7 22.88 -10.00 16.11
C VAL A 7 22.84 -11.07 15.02
N ARG A 8 21.67 -11.71 14.84
CA ARG A 8 21.54 -12.75 13.83
C ARG A 8 21.39 -12.26 12.39
N ASP A 9 20.48 -11.34 12.12
CA ASP A 9 20.32 -10.84 10.75
C ASP A 9 20.95 -9.47 10.58
N GLY A 10 21.33 -8.86 11.69
CA GLY A 10 21.97 -7.56 11.63
C GLY A 10 21.08 -6.38 11.33
N LEU A 11 19.75 -6.55 11.43
CA LEU A 11 18.83 -5.47 11.10
C LEU A 11 18.14 -4.83 12.29
N LYS A 12 17.64 -3.63 12.07
CA LYS A 12 16.86 -2.93 13.06
C LYS A 12 15.43 -3.09 12.59
N PRO A 13 14.45 -2.88 13.49
CA PRO A 13 13.08 -3.07 13.04
C PRO A 13 12.68 -2.40 11.72
N VAL A 14 13.00 -1.11 11.54
CA VAL A 14 12.61 -0.42 10.31
C VAL A 14 13.20 -1.07 9.07
N HIS A 15 14.42 -1.59 9.21
CA HIS A 15 15.10 -2.24 8.09
C HIS A 15 14.29 -3.44 7.58
N ARG A 16 13.80 -4.29 8.49
CA ARG A 16 13.02 -5.48 8.10
C ARG A 16 11.69 -5.07 7.49
N ARG A 17 11.02 -4.13 8.14
CA ARG A 17 9.73 -3.67 7.66
C ARG A 17 9.86 -3.22 6.23
N VAL A 18 10.95 -2.52 5.91
CA VAL A 18 11.16 -2.06 4.55
C VAL A 18 11.35 -3.27 3.61
N LEU A 19 12.30 -4.14 3.95
CA LEU A 19 12.61 -5.31 3.14
C LEU A 19 11.44 -6.29 3.01
N PHE A 20 10.77 -6.57 4.12
CA PHE A 20 9.63 -7.48 4.04
C PHE A 20 8.57 -6.90 3.08
N ALA A 21 8.33 -5.59 3.18
CA ALA A 21 7.38 -4.90 2.33
C ALA A 21 7.76 -5.11 0.86
N MET A 22 9.02 -4.88 0.53
CA MET A 22 9.49 -5.07 -0.83
C MET A 22 9.30 -6.53 -1.29
N ASP A 23 9.38 -7.46 -0.37
CA ASP A 23 9.27 -8.86 -0.70
C ASP A 23 7.80 -9.17 -0.95
N VAL A 24 6.91 -8.66 -0.09
CA VAL A 24 5.49 -8.93 -0.29
C VAL A 24 5.03 -8.34 -1.63
N LEU A 25 5.59 -7.17 -2.00
CA LEU A 25 5.25 -6.50 -3.25
C LEU A 25 5.81 -7.14 -4.52
N GLY A 26 6.53 -8.26 -4.38
CA GLY A 26 7.13 -8.88 -5.54
C GLY A 26 8.11 -7.89 -6.14
N ASN A 27 8.70 -7.05 -5.28
CA ASN A 27 9.66 -6.06 -5.74
C ASN A 27 11.05 -6.64 -5.84
N ASP A 28 11.14 -7.70 -6.65
CA ASP A 28 12.38 -8.45 -6.85
C ASP A 28 13.42 -7.84 -7.75
N TRP A 29 14.64 -8.37 -7.64
CA TRP A 29 15.79 -7.93 -8.42
C TRP A 29 15.68 -8.24 -9.92
N ASN A 30 14.86 -9.23 -10.30
CA ASN A 30 14.69 -9.56 -11.72
C ASN A 30 13.68 -8.61 -12.35
N LYS A 31 12.67 -8.26 -11.56
CA LYS A 31 11.57 -7.43 -12.01
C LYS A 31 11.87 -5.95 -12.12
N ALA A 32 10.93 -5.28 -12.77
CA ALA A 32 11.05 -3.86 -13.03
C ALA A 32 11.08 -3.02 -11.76
N TYR A 33 11.90 -1.97 -11.79
CA TYR A 33 12.00 -1.03 -10.69
C TYR A 33 10.60 -0.44 -10.47
N LYS A 34 10.31 -0.10 -9.20
CA LYS A 34 9.05 0.51 -8.78
C LYS A 34 9.50 1.84 -8.18
N LYS A 35 8.60 2.81 -8.13
CA LYS A 35 8.97 4.09 -7.54
C LYS A 35 9.11 3.94 -6.02
N SER A 36 10.16 4.54 -5.47
CA SER A 36 10.38 4.48 -4.03
C SER A 36 9.09 4.81 -3.24
N ALA A 37 8.32 5.78 -3.75
CA ALA A 37 7.08 6.14 -3.07
C ALA A 37 6.18 4.93 -2.79
N ARG A 38 6.06 4.05 -3.77
CA ARG A 38 5.24 2.86 -3.62
C ARG A 38 5.63 2.05 -2.39
N VAL A 39 6.92 1.77 -2.24
CA VAL A 39 7.39 0.99 -1.10
C VAL A 39 7.17 1.78 0.21
N VAL A 40 7.47 3.07 0.17
CA VAL A 40 7.25 3.89 1.37
C VAL A 40 5.78 3.80 1.76
N GLY A 41 4.91 3.72 0.76
CA GLY A 41 3.47 3.62 0.98
C GLY A 41 3.07 2.38 1.73
N ASP A 42 3.51 1.20 1.28
CA ASP A 42 3.15 -0.04 1.96
C ASP A 42 3.76 -0.13 3.35
N VAL A 43 4.92 0.49 3.52
CA VAL A 43 5.59 0.47 4.81
C VAL A 43 4.79 1.27 5.83
N ILE A 44 4.53 2.54 5.52
CA ILE A 44 3.73 3.40 6.39
C ILE A 44 2.35 2.77 6.61
N GLY A 45 1.76 2.32 5.50
CA GLY A 45 0.45 1.72 5.53
C GLY A 45 0.27 0.48 6.39
N LYS A 46 1.11 -0.53 6.20
CA LYS A 46 1.01 -1.78 6.96
C LYS A 46 1.98 -1.96 8.12
N TYR A 47 3.15 -1.32 8.06
CA TYR A 47 4.14 -1.56 9.10
C TYR A 47 4.76 -0.44 9.94
N HIS A 48 4.98 0.75 9.38
CA HIS A 48 5.60 1.83 10.17
C HIS A 48 4.74 3.06 9.97
N PRO A 49 3.58 3.09 10.63
CA PRO A 49 2.57 4.16 10.60
C PRO A 49 3.00 5.55 11.01
N HIS A 50 4.15 6.03 10.52
CA HIS A 50 4.62 7.33 11.01
C HIS A 50 4.63 8.69 10.25
N GLY A 51 5.16 8.81 9.04
CA GLY A 51 5.07 10.13 8.40
C GLY A 51 6.40 10.85 8.36
N ASP A 52 7.43 10.14 8.79
CA ASP A 52 8.79 10.65 8.81
C ASP A 52 9.38 10.42 7.47
N THR A 53 10.70 10.33 7.56
CA THR A 53 11.57 10.07 6.45
C THR A 53 12.45 8.93 6.97
N ALA A 54 12.03 8.31 8.08
CA ALA A 54 12.80 7.18 8.61
C ALA A 54 12.80 6.16 7.49
N VAL A 55 11.61 5.77 7.06
CA VAL A 55 11.42 4.80 5.99
C VAL A 55 12.21 5.19 4.75
N TYR A 56 11.96 6.39 4.20
CA TYR A 56 12.69 6.75 3.01
C TYR A 56 14.20 6.81 3.24
N ASP A 57 14.63 7.40 4.36
CA ASP A 57 16.05 7.49 4.64
C ASP A 57 16.62 6.09 4.64
N THR A 58 15.88 5.15 5.21
CA THR A 58 16.32 3.75 5.29
C THR A 58 16.50 3.19 3.90
N ILE A 59 15.57 3.52 3.01
CA ILE A 59 15.66 3.06 1.64
C ILE A 59 16.91 3.68 1.03
N VAL A 60 17.05 5.00 1.19
CA VAL A 60 18.23 5.69 0.64
C VAL A 60 19.55 5.06 1.10
N ARG A 61 19.73 4.97 2.43
CA ARG A 61 20.95 4.40 3.02
C ARG A 61 21.34 3.01 2.48
N MET A 62 20.36 2.13 2.22
CA MET A 62 20.63 0.77 1.71
C MET A 62 21.00 0.66 0.22
N ALA A 63 20.95 1.77 -0.50
CA ALA A 63 21.29 1.72 -1.93
C ALA A 63 22.60 2.44 -2.24
N GLN A 64 23.18 3.09 -1.23
CA GLN A 64 24.43 3.83 -1.40
C GLN A 64 25.70 2.98 -1.38
N PRO A 65 26.39 2.82 -2.53
CA PRO A 65 27.60 1.99 -2.43
C PRO A 65 28.66 2.55 -1.45
N PHE A 66 28.69 3.84 -1.22
CA PHE A 66 29.67 4.37 -0.28
C PHE A 66 29.16 4.16 1.16
N SER A 67 27.98 3.57 1.32
CA SER A 67 27.47 3.33 2.68
C SER A 67 27.48 1.85 3.08
N LEU A 68 27.07 0.97 2.18
CA LEU A 68 27.02 -0.47 2.48
C LEU A 68 28.02 -1.25 1.65
N ARG A 69 28.75 -2.12 2.33
CA ARG A 69 29.74 -2.96 1.67
C ARG A 69 29.07 -3.96 0.71
N TYR A 70 27.76 -4.12 0.91
CA TYR A 70 26.91 -5.02 0.13
C TYR A 70 25.51 -4.42 0.19
N MET A 71 25.16 -3.59 -0.78
CA MET A 71 23.84 -2.99 -0.81
C MET A 71 22.69 -4.00 -0.76
N LEU A 72 21.60 -3.58 -0.15
CA LEU A 72 20.40 -4.41 -0.01
C LEU A 72 19.33 -3.95 -0.97
N VAL A 73 19.49 -2.72 -1.41
CA VAL A 73 18.56 -2.11 -2.33
C VAL A 73 19.30 -1.76 -3.62
N ASP A 74 18.73 -2.16 -4.74
CA ASP A 74 19.29 -1.82 -6.05
C ASP A 74 18.44 -0.63 -6.52
N GLY A 75 19.01 0.57 -6.46
CA GLY A 75 18.24 1.73 -6.87
C GLY A 75 18.79 2.54 -8.02
N GLN A 76 17.89 3.15 -8.78
CA GLN A 76 18.24 4.00 -9.89
C GLN A 76 17.80 5.43 -9.60
N GLY A 77 18.64 6.38 -9.92
CA GLY A 77 18.30 7.77 -9.69
C GLY A 77 19.29 8.43 -8.77
N ASN A 78 18.92 9.56 -8.20
CA ASN A 78 19.82 10.28 -7.33
C ASN A 78 19.59 9.98 -5.86
N PHE A 79 20.57 9.28 -5.29
CA PHE A 79 20.55 8.83 -3.89
C PHE A 79 21.59 9.50 -3.01
N GLY A 80 22.17 10.60 -3.50
CA GLY A 80 23.18 11.31 -2.72
C GLY A 80 24.60 10.89 -3.08
N SER A 81 25.59 11.45 -2.37
CA SER A 81 27.00 11.14 -2.65
C SER A 81 27.88 11.29 -1.42
N VAL A 82 29.17 10.98 -1.56
CA VAL A 82 30.11 11.11 -0.46
C VAL A 82 30.30 12.61 -0.18
N ASP A 83 29.75 13.46 -1.04
CA ASP A 83 29.83 14.92 -0.83
C ASP A 83 28.71 15.35 0.09
N GLY A 84 27.95 14.36 0.56
CA GLY A 84 26.86 14.63 1.45
C GLY A 84 25.66 15.30 0.84
N ASP A 85 25.43 15.18 -0.47
CA ASP A 85 24.22 15.81 -1.00
C ASP A 85 23.06 14.82 -0.81
N SER A 86 21.84 15.34 -0.82
CA SER A 86 20.66 14.52 -0.56
C SER A 86 20.08 13.80 -1.76
N ALA A 87 19.39 12.71 -1.46
CA ALA A 87 18.73 11.89 -2.44
C ALA A 87 17.57 12.74 -2.89
N ALA A 88 17.08 12.47 -4.10
CA ALA A 88 15.97 13.18 -4.68
C ALA A 88 14.69 12.62 -4.03
N ALA A 89 13.58 13.34 -4.17
CA ALA A 89 12.30 12.92 -3.59
C ALA A 89 11.82 11.52 -4.03
N MET A 90 11.16 10.84 -3.10
CA MET A 90 10.66 9.49 -3.30
C MET A 90 9.81 9.29 -4.57
N ARG A 91 9.33 10.40 -5.13
CA ARG A 91 8.53 10.40 -6.34
C ARG A 91 9.45 10.22 -7.55
N TYR A 92 10.74 10.53 -7.35
CA TYR A 92 11.75 10.47 -8.41
C TYR A 92 12.92 9.47 -8.30
N THR A 93 12.77 8.40 -7.53
CA THR A 93 13.84 7.43 -7.43
C THR A 93 13.18 6.07 -7.66
N GLU A 94 13.90 5.19 -8.34
CA GLU A 94 13.35 3.87 -8.61
C GLU A 94 14.10 2.87 -7.77
N ILE A 95 13.38 1.88 -7.27
CA ILE A 95 13.96 0.96 -6.35
C ILE A 95 13.56 -0.47 -6.60
N ARG A 96 14.37 -1.40 -6.09
CA ARG A 96 14.10 -2.83 -6.20
C ARG A 96 15.15 -3.56 -5.35
N MET A 97 14.79 -4.73 -4.83
CA MET A 97 15.72 -5.52 -4.05
C MET A 97 16.95 -5.96 -4.84
N SER A 98 18.07 -6.07 -4.16
CA SER A 98 19.32 -6.50 -4.77
C SER A 98 19.36 -8.02 -4.67
N LYS A 99 20.19 -8.64 -5.50
CA LYS A 99 20.32 -10.09 -5.52
C LYS A 99 20.64 -10.61 -4.10
N ILE A 100 21.64 -10.04 -3.44
CA ILE A 100 21.98 -10.50 -2.11
C ILE A 100 20.86 -10.31 -1.07
N ALA A 101 19.97 -9.35 -1.27
CA ALA A 101 18.89 -9.13 -0.30
C ALA A 101 17.93 -10.34 -0.20
N HIS A 102 17.74 -11.03 -1.34
CA HIS A 102 16.85 -12.20 -1.39
C HIS A 102 17.43 -13.35 -0.59
N SER A 103 18.74 -13.38 -0.41
CA SER A 103 19.33 -14.47 0.34
C SER A 103 19.21 -14.21 1.83
N ILE A 104 18.76 -13.00 2.18
CA ILE A 104 18.53 -12.64 3.55
C ILE A 104 17.08 -12.97 3.85
N LEU A 105 16.26 -12.99 2.80
CA LEU A 105 14.84 -13.31 2.96
C LEU A 105 14.48 -14.73 2.53
N ALA A 106 15.48 -15.52 2.14
CA ALA A 106 15.24 -16.89 1.70
C ALA A 106 14.51 -17.67 2.76
N ASP A 107 13.49 -18.41 2.31
CA ASP A 107 12.67 -19.33 3.13
C ASP A 107 11.73 -18.71 4.17
N LEU A 108 11.39 -17.43 3.96
CA LEU A 108 10.50 -16.71 4.87
C LEU A 108 9.11 -17.36 4.84
N ASP A 109 8.79 -17.97 3.70
CA ASP A 109 7.50 -18.63 3.50
C ASP A 109 7.47 -20.07 4.02
N LYS A 110 8.53 -20.51 4.70
CA LYS A 110 8.57 -21.89 5.21
C LYS A 110 8.69 -22.02 6.74
N GLU A 111 7.98 -21.16 7.45
CA GLU A 111 7.95 -21.16 8.93
C GLU A 111 9.30 -21.30 9.57
N THR A 112 10.21 -20.44 9.13
CA THR A 112 11.59 -20.41 9.60
C THR A 112 11.81 -19.43 10.74
N VAL A 113 11.11 -18.30 10.75
CA VAL A 113 11.26 -17.33 11.82
C VAL A 113 9.91 -16.95 12.42
N ASP A 114 9.91 -16.45 13.66
CA ASP A 114 8.65 -16.03 14.27
C ASP A 114 8.12 -14.72 13.67
N PHE A 115 6.84 -14.72 13.36
CA PHE A 115 6.16 -13.55 12.82
C PHE A 115 5.47 -12.88 13.99
N VAL A 116 5.40 -11.55 13.97
CA VAL A 116 4.70 -10.88 15.03
C VAL A 116 3.55 -10.05 14.44
N PRO A 117 2.65 -9.56 15.31
CA PRO A 117 1.55 -8.76 14.77
C PRO A 117 2.05 -7.36 14.40
N ASN A 118 1.34 -6.65 13.53
CA ASN A 118 1.72 -5.29 13.17
C ASN A 118 1.01 -4.32 14.11
N TYR A 119 1.25 -3.02 13.96
CA TYR A 119 0.69 -2.02 14.86
C TYR A 119 -0.80 -2.11 15.19
N ASP A 120 -1.61 -2.67 14.31
CA ASP A 120 -3.05 -2.78 14.57
C ASP A 120 -3.58 -4.21 14.61
N GLY A 121 -2.73 -5.19 14.36
CA GLY A 121 -3.18 -6.58 14.39
C GLY A 121 -3.85 -7.10 13.13
N THR A 122 -3.61 -6.49 11.98
CA THR A 122 -4.25 -6.98 10.76
C THR A 122 -3.25 -7.64 9.82
N GLU A 123 -1.95 -7.50 10.12
CA GLU A 123 -0.90 -8.08 9.28
C GLU A 123 0.24 -8.57 10.20
N HIS A 124 1.14 -9.40 9.68
CA HIS A 124 2.25 -9.90 10.51
C HIS A 124 3.64 -9.66 9.88
N ILE A 125 4.67 -9.58 10.72
CA ILE A 125 6.07 -9.29 10.32
C ILE A 125 7.13 -10.21 10.95
N PRO A 126 8.10 -10.67 10.17
CA PRO A 126 9.08 -11.52 10.86
C PRO A 126 9.81 -10.71 11.93
N ALA A 127 10.16 -11.34 13.05
CA ALA A 127 10.86 -10.65 14.12
C ALA A 127 12.32 -10.71 13.81
N VAL A 128 12.65 -11.51 12.80
CA VAL A 128 14.05 -11.67 12.37
C VAL A 128 14.08 -12.33 11.00
N MET A 129 15.16 -12.09 10.25
CA MET A 129 15.22 -12.67 8.93
C MET A 129 16.01 -13.95 8.96
N PRO A 130 15.62 -14.91 8.09
CA PRO A 130 16.21 -16.24 7.90
C PRO A 130 17.46 -16.15 7.01
N THR A 131 18.34 -15.19 7.30
CA THR A 131 19.53 -14.95 6.48
C THR A 131 20.49 -16.07 6.22
N ARG A 132 20.88 -16.18 4.96
CA ARG A 132 21.92 -17.13 4.58
C ARG A 132 23.22 -16.33 4.62
N VAL A 133 23.10 -15.02 4.86
CA VAL A 133 24.25 -14.12 4.88
C VAL A 133 24.53 -13.55 6.27
N PRO A 134 25.81 -13.48 6.67
CA PRO A 134 26.13 -12.93 8.00
C PRO A 134 26.24 -11.42 7.87
N ASN A 135 25.07 -10.84 7.63
CA ASN A 135 24.87 -9.42 7.40
C ASN A 135 25.36 -8.47 8.47
N LEU A 136 25.18 -8.81 9.74
CA LEU A 136 25.61 -7.91 10.81
C LEU A 136 27.09 -7.54 10.64
N LEU A 137 27.95 -8.55 10.50
CA LEU A 137 29.39 -8.32 10.34
C LEU A 137 29.74 -7.75 8.97
N VAL A 138 29.03 -8.23 7.96
CA VAL A 138 29.29 -7.85 6.59
C VAL A 138 28.95 -6.41 6.20
N ASN A 139 27.90 -5.84 6.79
CA ASN A 139 27.54 -4.45 6.48
C ASN A 139 27.75 -3.60 7.73
N GLY A 140 28.14 -4.28 8.81
CA GLY A 140 28.38 -3.59 10.05
C GLY A 140 27.12 -2.92 10.53
N THR A 141 27.24 -1.98 11.45
CA THR A 141 26.05 -1.32 11.96
C THR A 141 26.33 0.12 12.42
N ALA A 149 25.20 1.72 22.81
CA ALA A 149 25.38 2.17 21.43
C ALA A 149 26.17 1.11 20.68
N THR A 150 26.59 1.42 19.46
CA THR A 150 27.38 0.47 18.65
C THR A 150 28.22 1.16 17.61
N ASN A 151 29.15 0.39 17.05
CA ASN A 151 30.00 0.84 15.96
C ASN A 151 30.75 -0.37 15.40
N ILE A 152 30.05 -1.18 14.60
CA ILE A 152 30.67 -2.37 14.02
C ILE A 152 30.95 -2.08 12.57
N PRO A 153 32.22 -2.19 12.16
CA PRO A 153 32.54 -1.91 10.76
C PRO A 153 32.21 -3.04 9.83
N PRO A 154 32.02 -2.73 8.54
CA PRO A 154 31.71 -3.75 7.54
C PRO A 154 32.90 -4.68 7.41
N HIS A 155 32.68 -5.83 6.79
CA HIS A 155 33.71 -6.83 6.59
C HIS A 155 33.52 -7.46 5.22
N ASN A 156 34.45 -8.33 4.84
CA ASN A 156 34.44 -8.98 3.54
C ASN A 156 33.68 -10.30 3.58
N LEU A 157 32.70 -10.43 2.68
CA LEU A 157 31.86 -11.62 2.62
C LEU A 157 32.60 -12.94 2.46
N THR A 158 33.65 -12.94 1.65
CA THR A 158 34.45 -14.13 1.41
C THR A 158 35.18 -14.59 2.68
N GLU A 159 35.83 -13.64 3.34
CA GLU A 159 36.56 -13.91 4.59
C GLU A 159 35.66 -14.40 5.70
N VAL A 160 34.49 -13.77 5.86
CA VAL A 160 33.55 -14.14 6.91
C VAL A 160 32.92 -15.53 6.72
N ILE A 161 32.64 -15.89 5.46
CA ILE A 161 32.07 -17.20 5.18
C ILE A 161 33.16 -18.19 5.48
N ASN A 162 34.38 -17.82 5.12
CA ASN A 162 35.49 -18.71 5.36
C ASN A 162 35.63 -19.01 6.84
N ALA A 163 35.57 -17.97 7.67
CA ALA A 163 35.69 -18.16 9.09
C ALA A 163 34.53 -19.06 9.50
N CYS A 164 33.34 -18.76 8.99
CA CYS A 164 32.16 -19.56 9.32
C CYS A 164 32.33 -21.05 9.00
N LEU A 165 32.95 -21.36 7.85
CA LEU A 165 33.16 -22.75 7.48
C LEU A 165 34.22 -23.37 8.38
N ALA A 166 35.29 -22.62 8.60
CA ALA A 166 36.37 -23.08 9.47
C ALA A 166 35.76 -23.36 10.86
N LEU A 167 34.79 -22.53 11.26
CA LEU A 167 34.15 -22.70 12.57
C LEU A 167 33.22 -23.91 12.67
N ILE A 168 32.60 -24.33 11.57
CA ILE A 168 31.72 -25.49 11.61
C ILE A 168 32.55 -26.79 11.59
N ASP A 169 33.73 -26.72 11.00
CA ASP A 169 34.60 -27.88 10.89
C ASP A 169 35.37 -28.10 12.19
N ASN A 170 35.51 -27.04 12.96
CA ASN A 170 36.25 -27.10 14.22
C ASN A 170 35.76 -26.01 15.16
N SER A 171 34.80 -26.36 16.01
CA SER A 171 34.22 -25.38 16.94
C SER A 171 35.20 -24.85 17.97
N GLU A 172 36.35 -25.50 18.11
CA GLU A 172 37.37 -25.06 19.07
C GLU A 172 38.30 -23.99 18.49
N LEU A 173 37.90 -23.47 17.33
CA LEU A 173 38.61 -22.42 16.58
C LEU A 173 39.16 -21.31 17.49
N THR A 174 40.47 -21.06 17.46
CA THR A 174 41.02 -19.99 18.29
C THR A 174 40.93 -18.65 17.56
N PHE A 175 40.95 -17.59 18.36
CA PHE A 175 40.89 -16.22 17.85
C PHE A 175 41.99 -16.00 16.82
N GLU A 176 43.17 -16.56 17.09
CA GLU A 176 44.31 -16.42 16.18
C GLU A 176 43.99 -17.05 14.85
N GLU A 177 43.34 -18.21 14.84
CA GLU A 177 42.96 -18.79 13.57
C GLU A 177 41.92 -17.87 12.92
N ILE A 178 40.99 -17.31 13.70
CA ILE A 178 39.97 -16.46 13.09
C ILE A 178 40.63 -15.33 12.29
N LEU A 179 41.72 -14.77 12.84
CA LEU A 179 42.43 -13.68 12.18
C LEU A 179 43.16 -14.04 10.89
N GLU A 180 43.46 -15.31 10.67
CA GLU A 180 44.10 -15.67 9.41
C GLU A 180 43.02 -15.54 8.33
N HIS A 181 41.78 -15.89 8.71
CA HIS A 181 40.63 -15.82 7.81
C HIS A 181 40.06 -14.41 7.68
N ILE A 182 40.06 -13.64 8.76
CA ILE A 182 39.53 -12.28 8.75
C ILE A 182 40.63 -11.39 9.33
N PRO A 183 41.46 -10.77 8.47
CA PRO A 183 42.54 -9.91 8.97
C PRO A 183 42.02 -8.61 9.55
N GLY A 184 40.79 -8.26 9.22
CA GLY A 184 40.24 -7.01 9.74
C GLY A 184 39.08 -6.55 8.91
N PRO A 185 38.53 -5.35 9.19
CA PRO A 185 37.40 -4.81 8.43
C PRO A 185 37.79 -4.61 6.98
N ASP A 186 36.77 -4.28 6.19
CA ASP A 186 36.91 -4.02 4.77
C ASP A 186 35.75 -3.06 4.43
N PHE A 187 36.08 -1.79 4.31
CA PHE A 187 35.09 -0.76 4.01
C PHE A 187 34.73 -0.69 2.51
N PRO A 188 33.48 -0.32 2.19
CA PRO A 188 32.97 -0.20 0.81
C PRO A 188 33.76 0.89 0.06
N THR A 189 34.24 1.80 0.88
CA THR A 189 34.98 3.01 0.55
C THR A 189 36.50 2.76 0.35
N ALA A 190 36.94 1.53 0.66
CA ALA A 190 38.34 1.06 0.55
C ALA A 190 39.30 1.70 1.56
N GLY A 191 40.50 2.11 1.11
CA GLY A 191 41.45 2.73 2.01
C GLY A 191 42.53 1.81 2.59
N ILE A 192 43.18 2.32 3.62
CA ILE A 192 44.26 1.61 4.26
C ILE A 192 44.11 1.65 5.77
N ILE A 193 44.04 0.46 6.37
CA ILE A 193 43.96 0.34 7.82
C ILE A 193 45.41 0.18 8.27
N SER A 194 45.75 0.73 9.44
CA SER A 194 47.13 0.60 9.94
C SER A 194 47.23 0.10 11.39
N GLY A 195 46.20 0.35 12.19
CA GLY A 195 46.23 -0.09 13.57
C GLY A 195 46.14 -1.59 13.81
N ARG A 196 47.04 -2.37 13.23
CA ARG A 196 46.97 -3.82 13.36
C ARG A 196 46.68 -4.52 14.72
N ALA A 197 47.17 -4.00 15.84
CA ALA A 197 46.86 -4.66 17.12
C ALA A 197 45.51 -4.20 17.65
N GLY A 198 45.03 -3.07 17.13
CA GLY A 198 43.72 -2.59 17.52
C GLY A 198 42.67 -3.53 16.97
N ILE A 199 42.97 -4.16 15.83
CA ILE A 199 42.06 -5.13 15.20
C ILE A 199 41.85 -6.33 16.13
N GLU A 200 42.95 -6.98 16.49
CA GLU A 200 42.90 -8.13 17.38
C GLU A 200 42.27 -7.72 18.71
N GLU A 201 42.59 -6.51 19.15
CA GLU A 201 42.07 -5.97 20.39
C GLU A 201 40.54 -6.11 20.38
N ALA A 202 39.92 -5.48 19.38
CA ALA A 202 38.47 -5.44 19.25
C ALA A 202 37.86 -6.80 18.93
N TYR A 203 38.65 -7.74 18.40
CA TYR A 203 38.13 -9.06 18.08
C TYR A 203 38.03 -9.96 19.32
N ARG A 204 39.01 -9.87 20.20
CA ARG A 204 39.05 -10.68 21.43
C ARG A 204 38.20 -10.06 22.53
N THR A 205 38.03 -8.75 22.43
CA THR A 205 37.39 -7.92 23.43
C THR A 205 36.02 -7.31 23.12
N GLY A 206 35.84 -6.87 21.88
CA GLY A 206 34.62 -6.20 21.49
C GLY A 206 34.91 -4.72 21.34
N ARG A 207 36.05 -4.29 21.88
CA ARG A 207 36.43 -2.89 21.81
C ARG A 207 37.88 -2.65 21.38
N GLY A 208 38.03 -1.81 20.35
CA GLY A 208 39.34 -1.49 19.82
C GLY A 208 39.29 -0.23 18.98
N LYS A 209 40.44 0.33 18.64
CA LYS A 209 40.53 1.56 17.87
C LYS A 209 41.58 1.40 16.75
N ILE A 210 41.23 1.76 15.52
CA ILE A 210 42.17 1.67 14.41
C ILE A 210 42.30 2.93 13.60
N LYS A 211 43.37 2.98 12.82
CA LYS A 211 43.64 4.13 11.99
C LYS A 211 43.29 3.80 10.55
N ILE A 212 42.41 4.60 9.94
CA ILE A 212 42.06 4.42 8.52
C ILE A 212 42.67 5.58 7.73
N ARG A 213 43.41 5.27 6.67
CA ARG A 213 44.07 6.28 5.85
C ARG A 213 43.57 6.28 4.41
N ALA A 214 43.60 7.45 3.79
CA ALA A 214 43.24 7.63 2.39
C ALA A 214 44.33 7.09 1.45
N ARG A 215 43.94 6.59 0.28
CA ARG A 215 44.96 6.11 -0.66
C ARG A 215 45.29 7.26 -1.60
N ALA A 216 46.59 7.51 -1.79
CA ALA A 216 47.03 8.62 -2.62
C ALA A 216 48.38 8.37 -3.26
N SER A 217 48.54 8.83 -4.50
CA SER A 217 49.79 8.67 -5.22
C SER A 217 50.37 10.03 -5.69
N ILE A 218 51.69 10.07 -5.94
CA ILE A 218 52.35 11.28 -6.41
C ILE A 218 52.73 11.13 -7.89
N ASP A 219 52.18 11.97 -8.77
CA ASP A 219 52.57 11.96 -10.18
C ASP A 219 53.63 13.06 -10.37
N VAL A 220 54.46 12.91 -11.37
CA VAL A 220 55.45 13.93 -11.67
C VAL A 220 55.13 14.24 -13.11
N HIS A 221 54.86 15.50 -13.43
CA HIS A 221 54.57 15.81 -14.83
C HIS A 221 55.91 15.62 -15.55
N GLU A 222 55.87 14.81 -16.61
CA GLU A 222 57.06 14.45 -17.36
C GLU A 222 57.97 15.60 -17.81
N THR A 223 57.38 16.72 -18.21
CA THR A 223 58.18 17.86 -18.65
C THR A 223 58.59 18.87 -17.56
N THR A 224 57.67 19.27 -16.69
CA THR A 224 58.00 20.25 -15.64
C THR A 224 58.58 19.64 -14.37
N GLY A 225 58.46 18.33 -14.21
CA GLY A 225 58.99 17.71 -13.02
C GLY A 225 58.17 18.12 -11.82
N LYS A 226 57.11 18.90 -12.09
CA LYS A 226 56.20 19.37 -11.05
C LYS A 226 55.55 18.16 -10.39
N GLU A 227 55.08 18.33 -9.16
CA GLU A 227 54.43 17.21 -8.49
C GLU A 227 52.95 17.44 -8.17
N THR A 228 52.19 16.36 -8.17
CA THR A 228 50.75 16.45 -7.91
C THR A 228 50.34 15.27 -7.03
N ILE A 229 49.56 15.50 -5.99
CA ILE A 229 49.10 14.34 -5.28
C ILE A 229 47.66 14.13 -5.69
N ILE A 230 47.37 12.85 -5.95
CA ILE A 230 46.07 12.35 -6.39
C ILE A 230 45.47 11.46 -5.31
N VAL A 231 44.33 11.88 -4.74
CA VAL A 231 43.68 11.07 -3.71
C VAL A 231 42.61 10.20 -4.38
N HIS A 232 42.84 8.88 -4.35
CA HIS A 232 41.98 7.88 -4.96
C HIS A 232 40.89 7.34 -4.05
N GLU A 233 41.24 7.18 -2.77
CA GLU A 233 40.30 6.61 -1.79
C GLU A 233 40.33 7.38 -0.49
N LEU A 234 39.15 7.59 0.08
CA LEU A 234 39.01 8.30 1.35
C LEU A 234 38.58 7.33 2.45
N PRO A 235 38.77 7.72 3.73
CA PRO A 235 38.34 6.77 4.77
C PRO A 235 36.83 6.71 4.84
N TYR A 236 36.31 5.63 5.39
CA TYR A 236 34.87 5.45 5.53
C TYR A 236 34.24 6.70 6.13
N GLN A 237 33.08 7.10 5.62
CA GLN A 237 32.35 8.26 6.16
C GLN A 237 32.96 9.65 6.06
N VAL A 238 34.05 9.81 5.34
CA VAL A 238 34.57 11.16 5.27
C VAL A 238 33.92 11.87 4.08
N ASN A 239 33.26 12.98 4.36
CA ASN A 239 32.66 13.82 3.33
C ASN A 239 33.77 14.50 2.48
N LYS A 240 33.88 14.11 1.21
CA LYS A 240 34.88 14.67 0.32
C LYS A 240 34.90 16.21 0.26
N ALA A 241 33.74 16.83 0.08
CA ALA A 241 33.65 18.27 -0.06
C ALA A 241 34.00 19.02 1.23
N ARG A 242 33.63 18.49 2.40
CA ARG A 242 33.99 19.18 3.63
C ARG A 242 35.51 19.09 3.73
N LEU A 243 36.07 17.96 3.30
CA LEU A 243 37.53 17.78 3.36
C LEU A 243 38.33 18.72 2.47
N ILE A 244 37.80 19.07 1.31
CA ILE A 244 38.54 20.01 0.47
C ILE A 244 38.43 21.42 1.07
N GLU A 245 37.37 21.65 1.82
CA GLU A 245 37.16 22.92 2.49
C GLU A 245 38.17 23.04 3.63
N LYS A 246 38.32 21.98 4.42
CA LYS A 246 39.25 22.03 5.54
C LYS A 246 40.66 22.16 4.99
N MET A 247 40.89 21.63 3.79
CA MET A 247 42.21 21.75 3.18
C MET A 247 42.48 23.18 2.68
N ALA A 248 41.51 23.75 1.99
CA ALA A 248 41.69 25.10 1.47
C ALA A 248 42.00 26.01 2.65
N GLU A 249 41.32 25.77 3.77
CA GLU A 249 41.53 26.59 4.95
C GLU A 249 42.92 26.51 5.54
N LEU A 250 43.45 25.30 5.69
CA LEU A 250 44.78 25.13 6.25
C LEU A 250 45.81 25.80 5.34
N VAL A 251 45.50 25.95 4.05
CA VAL A 251 46.39 26.67 3.14
C VAL A 251 46.23 28.17 3.41
N LYS A 252 44.97 28.63 3.53
CA LYS A 252 44.70 30.04 3.80
C LYS A 252 45.46 30.53 5.05
N ASP A 253 45.37 29.76 6.15
CA ASP A 253 46.03 30.16 7.40
C ASP A 253 47.52 29.80 7.44
N LYS A 254 48.09 29.48 6.29
CA LYS A 254 49.51 29.09 6.23
C LYS A 254 49.78 27.93 7.18
N ARG A 255 48.75 27.19 7.59
CA ARG A 255 48.94 26.07 8.51
C ARG A 255 49.38 24.84 7.72
N LEU A 256 49.30 24.94 6.39
CA LEU A 256 49.68 23.84 5.48
C LEU A 256 50.44 24.45 4.29
N GLU A 257 51.76 24.22 4.25
CA GLU A 257 52.64 24.77 3.21
C GLU A 257 52.86 23.83 2.03
N GLY A 258 53.32 24.38 0.90
CA GLY A 258 53.64 23.59 -0.28
C GLY A 258 52.60 23.35 -1.36
N ILE A 259 51.36 23.77 -1.12
CA ILE A 259 50.27 23.61 -2.09
C ILE A 259 49.90 24.87 -2.89
N SER A 260 49.81 24.71 -4.21
CA SER A 260 49.49 25.84 -5.08
C SER A 260 48.08 25.79 -5.70
N ALA A 261 47.37 24.67 -5.55
CA ALA A 261 46.02 24.56 -6.11
C ALA A 261 45.27 23.30 -5.65
N LEU A 262 43.96 23.47 -5.41
CA LEU A 262 43.07 22.39 -4.97
C LEU A 262 41.87 22.22 -5.89
N ARG A 263 41.58 20.98 -6.27
CA ARG A 263 40.43 20.72 -7.15
C ARG A 263 39.91 19.31 -6.98
N ASP A 264 38.61 19.14 -7.18
CA ASP A 264 38.00 17.83 -7.12
C ASP A 264 37.69 17.59 -8.57
N GLU A 265 38.04 16.42 -9.07
CA GLU A 265 37.76 16.09 -10.45
C GLU A 265 37.08 14.75 -10.41
N SER A 266 36.50 14.45 -9.25
CA SER A 266 35.81 13.21 -9.03
C SER A 266 34.69 12.98 -10.04
N ASP A 267 34.33 11.70 -10.21
CA ASP A 267 33.31 11.27 -11.15
C ASP A 267 32.24 10.38 -10.59
N LYS A 268 31.31 10.08 -11.50
CA LYS A 268 30.26 9.13 -11.23
C LYS A 268 31.06 7.82 -11.36
N ASP A 269 32.16 7.89 -12.11
CA ASP A 269 33.05 6.75 -12.36
C ASP A 269 34.32 6.59 -11.49
N GLY A 270 34.67 7.60 -10.70
CA GLY A 270 35.85 7.48 -9.85
C GLY A 270 36.29 8.75 -9.13
N MET A 271 36.90 8.60 -7.95
CA MET A 271 37.36 9.73 -7.17
C MET A 271 38.71 10.22 -7.68
N ARG A 272 38.85 11.54 -7.80
CA ARG A 272 40.11 12.12 -8.23
C ARG A 272 40.37 13.49 -7.61
N MET A 273 40.82 13.50 -6.35
CA MET A 273 41.13 14.75 -5.67
C MET A 273 42.49 15.17 -6.18
N VAL A 274 42.62 16.47 -6.48
CA VAL A 274 43.87 17.02 -7.01
C VAL A 274 44.53 18.11 -6.15
N ILE A 275 45.74 17.83 -5.67
CA ILE A 275 46.49 18.75 -4.81
C ILE A 275 47.83 19.10 -5.45
N GLU A 276 47.92 20.26 -6.10
CA GLU A 276 49.16 20.73 -6.77
C GLU A 276 50.26 21.09 -5.78
N ILE A 277 51.49 20.70 -6.10
CA ILE A 277 52.66 20.95 -5.26
C ILE A 277 53.48 22.13 -5.81
N LYS A 278 53.66 23.19 -5.00
CA LYS A 278 54.44 24.35 -5.44
C LYS A 278 55.79 23.84 -5.95
N ARG A 279 56.30 24.44 -7.01
CA ARG A 279 57.61 24.09 -7.54
C ARG A 279 58.63 23.99 -6.41
N GLY A 280 59.48 22.96 -6.46
CA GLY A 280 60.49 22.80 -5.43
C GLY A 280 60.08 22.10 -4.14
N GLU A 281 58.84 22.22 -3.69
CA GLU A 281 58.48 21.57 -2.44
C GLU A 281 58.43 20.06 -2.62
N VAL A 282 58.43 19.35 -1.50
CA VAL A 282 58.41 17.89 -1.45
C VAL A 282 57.01 17.22 -1.47
N GLY A 283 56.69 16.49 -2.53
CA GLY A 283 55.42 15.79 -2.59
C GLY A 283 55.14 14.97 -1.32
N GLU A 284 56.00 14.01 -1.03
CA GLU A 284 55.87 13.14 0.15
C GLU A 284 55.66 13.87 1.47
N VAL A 285 56.36 14.98 1.64
CA VAL A 285 56.22 15.68 2.90
C VAL A 285 54.89 16.34 2.99
N VAL A 286 54.41 16.89 1.88
CA VAL A 286 53.10 17.53 1.87
C VAL A 286 52.10 16.43 2.21
N LEU A 287 52.20 15.30 1.52
CA LEU A 287 51.30 14.19 1.82
C LEU A 287 51.33 13.85 3.31
N ASN A 288 52.53 13.79 3.88
CA ASN A 288 52.62 13.49 5.29
C ASN A 288 51.95 14.54 6.16
N ASN A 289 51.97 15.79 5.72
CA ASN A 289 51.32 16.81 6.52
C ASN A 289 49.81 16.80 6.27
N LEU A 290 49.40 16.29 5.12
CA LEU A 290 47.98 16.20 4.85
C LEU A 290 47.41 15.16 5.85
N TYR A 291 48.15 14.06 6.04
CA TYR A 291 47.72 13.01 6.96
C TYR A 291 47.71 13.38 8.43
N LYS A 292 48.20 14.54 8.79
CA LYS A 292 48.26 14.91 10.19
C LYS A 292 47.24 15.97 10.56
N LEU A 293 46.81 16.75 9.57
CA LEU A 293 45.88 17.84 9.80
C LEU A 293 44.44 17.74 9.24
N THR A 294 44.15 16.71 8.43
CA THR A 294 42.80 16.60 7.93
C THR A 294 42.16 15.22 8.17
N GLN A 295 40.94 15.02 7.67
CA GLN A 295 40.31 13.71 7.83
C GLN A 295 40.85 12.74 6.74
N MET A 296 42.04 13.04 6.20
CA MET A 296 42.70 12.16 5.25
C MET A 296 43.02 10.94 6.10
N GLN A 297 42.98 11.17 7.42
CA GLN A 297 43.21 10.15 8.44
C GLN A 297 42.23 10.31 9.60
N VAL A 298 41.63 9.20 10.02
CA VAL A 298 40.69 9.23 11.13
C VAL A 298 40.87 8.01 12.02
N SER A 299 40.18 8.06 13.14
CA SER A 299 40.18 6.97 14.10
C SER A 299 38.81 6.37 13.96
N PHE A 300 38.72 5.10 14.25
CA PHE A 300 37.46 4.45 14.18
C PHE A 300 37.46 3.64 15.44
N GLY A 301 36.41 3.76 16.23
CA GLY A 301 36.31 2.96 17.44
C GLY A 301 35.38 1.79 17.23
N LEU A 302 35.92 0.58 17.27
CA LEU A 302 35.08 -0.59 17.08
C LEU A 302 34.49 -0.93 18.45
N ASN A 303 33.17 -0.82 18.53
CA ASN A 303 32.42 -1.08 19.76
C ASN A 303 31.26 -1.96 19.26
N MET A 304 31.39 -3.27 19.47
CA MET A 304 30.44 -4.21 18.90
C MET A 304 29.31 -4.72 19.76
N VAL A 305 28.19 -4.01 19.69
CA VAL A 305 27.02 -4.33 20.45
C VAL A 305 25.86 -4.66 19.52
N ALA A 306 25.08 -5.65 19.91
CA ALA A 306 23.91 -6.11 19.17
C ALA A 306 22.93 -6.70 20.19
N LEU A 307 21.67 -6.89 19.79
CA LEU A 307 20.64 -7.48 20.66
C LEU A 307 20.63 -8.99 20.47
N THR A 308 20.81 -9.77 21.53
CA THR A 308 20.79 -11.22 21.33
C THR A 308 19.46 -11.87 21.63
N ASN A 309 19.03 -11.82 22.88
CA ASN A 309 17.72 -12.35 23.19
C ASN A 309 17.05 -11.28 24.01
N GLY A 310 16.74 -10.22 23.27
CA GLY A 310 16.13 -9.03 23.81
C GLY A 310 17.08 -8.12 24.56
N GLN A 311 18.39 -8.38 24.56
CA GLN A 311 19.30 -7.56 25.35
C GLN A 311 20.61 -7.05 24.74
N PRO A 312 20.99 -5.81 25.07
CA PRO A 312 22.25 -5.28 24.52
C PRO A 312 23.39 -6.19 24.99
N LYS A 313 24.42 -6.34 24.16
CA LYS A 313 25.57 -7.14 24.54
C LYS A 313 26.81 -6.81 23.72
N ILE A 314 27.97 -6.82 24.37
CA ILE A 314 29.25 -6.60 23.67
C ILE A 314 29.65 -8.01 23.19
N PHE A 315 30.04 -8.15 21.93
CA PHE A 315 30.42 -9.44 21.39
C PHE A 315 31.86 -9.51 20.96
N ASN A 316 32.48 -10.67 21.13
CA ASN A 316 33.79 -10.82 20.57
C ASN A 316 33.47 -11.46 19.19
N ILE A 317 34.44 -11.48 18.30
CA ILE A 317 34.18 -12.01 16.98
C ILE A 317 33.82 -13.50 16.87
N LYS A 318 34.27 -14.34 17.79
CA LYS A 318 33.89 -15.75 17.70
C LYS A 318 32.41 -15.85 18.04
N GLU A 319 31.97 -15.11 19.04
CA GLU A 319 30.56 -15.13 19.40
C GLU A 319 29.68 -14.66 18.24
N MET A 320 30.12 -13.63 17.51
CA MET A 320 29.33 -13.13 16.38
C MET A 320 29.20 -14.27 15.36
N LEU A 321 30.30 -14.95 15.08
CA LEU A 321 30.26 -16.09 14.14
C LEU A 321 29.35 -17.20 14.71
N GLU A 322 29.40 -17.44 16.02
CA GLU A 322 28.56 -18.46 16.67
C GLU A 322 27.09 -18.13 16.48
N ALA A 323 26.71 -16.90 16.81
CA ALA A 323 25.33 -16.49 16.67
C ALA A 323 24.82 -16.76 15.24
N PHE A 324 25.55 -16.27 14.23
CA PHE A 324 25.13 -16.50 12.86
C PHE A 324 24.95 -17.98 12.54
N VAL A 325 25.90 -18.82 12.96
CA VAL A 325 25.77 -20.26 12.70
C VAL A 325 24.66 -20.96 13.51
N LEU A 326 24.43 -20.55 14.75
CA LEU A 326 23.34 -21.13 15.55
C LEU A 326 22.02 -20.83 14.84
N HIS A 327 21.89 -19.59 14.36
CA HIS A 327 20.71 -19.14 13.65
C HIS A 327 20.50 -19.97 12.37
N ARG A 328 21.57 -20.31 11.66
CA ARG A 328 21.41 -21.15 10.47
C ARG A 328 20.93 -22.56 10.87
N ARG A 329 21.37 -23.08 12.03
CA ARG A 329 20.91 -24.41 12.44
C ARG A 329 19.41 -24.34 12.68
N GLU A 330 18.97 -23.28 13.35
CA GLU A 330 17.54 -23.11 13.64
C GLU A 330 16.66 -22.95 12.41
N VAL A 331 17.09 -22.12 11.45
CA VAL A 331 16.30 -21.91 10.23
C VAL A 331 16.22 -23.20 9.38
N VAL A 332 17.35 -23.88 9.21
CA VAL A 332 17.33 -25.09 8.40
C VAL A 332 16.49 -26.18 9.07
N THR A 333 16.51 -26.22 10.40
CA THR A 333 15.72 -27.23 11.10
C THR A 333 14.23 -26.96 10.92
N ARG A 334 13.82 -25.71 11.14
CA ARG A 334 12.43 -25.33 10.99
C ARG A 334 12.01 -25.53 9.54
N ARG A 335 12.93 -25.24 8.61
CA ARG A 335 12.56 -25.37 7.22
C ARG A 335 12.22 -26.83 6.86
N THR A 336 13.07 -27.75 7.31
CA THR A 336 12.89 -29.16 7.04
C THR A 336 11.66 -29.75 7.78
N ILE A 337 11.38 -29.28 9.00
CA ILE A 337 10.21 -29.74 9.77
C ILE A 337 8.99 -29.43 8.90
N PHE A 338 8.94 -28.18 8.47
CA PHE A 338 7.89 -27.65 7.63
C PHE A 338 7.73 -28.40 6.30
N GLU A 339 8.84 -28.65 5.59
CA GLU A 339 8.73 -29.32 4.28
C GLU A 339 8.19 -30.74 4.48
N LEU A 340 8.59 -31.40 5.56
CA LEU A 340 8.12 -32.76 5.83
C LEU A 340 6.61 -32.78 6.15
N ARG A 341 6.11 -31.80 6.89
CA ARG A 341 4.67 -31.77 7.18
C ARG A 341 3.87 -31.58 5.89
N LYS A 342 4.36 -30.68 5.04
CA LYS A 342 3.72 -30.36 3.76
C LYS A 342 3.71 -31.53 2.78
N ALA A 343 4.82 -32.25 2.71
CA ALA A 343 4.95 -33.39 1.82
C ALA A 343 4.01 -34.52 2.24
N ARG A 344 3.80 -34.67 3.56
CA ARG A 344 2.90 -35.69 4.05
C ARG A 344 1.46 -35.27 3.76
N ASP A 345 1.17 -33.97 3.79
CA ASP A 345 -0.19 -33.56 3.49
C ASP A 345 -0.46 -33.69 2.00
N ARG A 346 0.51 -33.35 1.15
CA ARG A 346 0.27 -33.48 -0.28
C ARG A 346 0.24 -34.97 -0.66
N ALA A 347 1.05 -35.78 0.00
CA ALA A 347 1.06 -37.22 -0.30
C ALA A 347 -0.28 -37.86 0.03
N HIS A 348 -0.89 -37.41 1.12
CA HIS A 348 -2.16 -37.93 1.56
C HIS A 348 -3.25 -37.58 0.56
N ILE A 349 -3.20 -36.37 -0.01
CA ILE A 349 -4.23 -36.01 -0.99
C ILE A 349 -4.06 -36.75 -2.31
N LEU A 350 -2.82 -36.92 -2.77
CA LEU A 350 -2.62 -37.60 -4.04
C LEU A 350 -3.02 -39.06 -3.86
N GLU A 351 -2.64 -39.65 -2.74
CA GLU A 351 -3.01 -41.03 -2.51
C GLU A 351 -4.52 -41.11 -2.64
N GLY A 352 -5.22 -40.23 -1.94
CA GLY A 352 -6.67 -40.27 -2.02
C GLY A 352 -7.22 -40.11 -3.43
N LEU A 353 -6.44 -39.48 -4.30
CA LEU A 353 -6.84 -39.27 -5.69
C LEU A 353 -6.41 -40.40 -6.60
N SER A 354 -5.41 -41.17 -6.17
CA SER A 354 -4.94 -42.26 -7.02
C SER A 354 -5.84 -43.50 -6.94
N ILE A 355 -6.48 -43.74 -5.81
CA ILE A 355 -7.37 -44.89 -5.80
C ILE A 355 -8.64 -44.35 -6.43
N ALA A 356 -8.89 -43.05 -6.27
CA ALA A 356 -10.07 -42.43 -6.87
C ALA A 356 -9.97 -42.56 -8.37
N LEU A 357 -8.80 -42.29 -8.92
CA LEU A 357 -8.60 -42.39 -10.36
C LEU A 357 -8.55 -43.85 -10.85
N ALA A 358 -8.19 -44.78 -9.97
CA ALA A 358 -8.18 -46.19 -10.37
C ALA A 358 -9.60 -46.77 -10.44
N ASN A 359 -10.61 -46.03 -9.95
CA ASN A 359 -12.00 -46.48 -10.11
C ASN A 359 -13.00 -45.33 -10.31
N ILE A 360 -12.65 -44.46 -11.27
CA ILE A 360 -13.42 -43.25 -11.62
C ILE A 360 -14.87 -43.32 -12.10
N ASP A 361 -15.33 -44.48 -12.60
CA ASP A 361 -16.72 -44.57 -13.09
C ASP A 361 -17.80 -44.72 -12.01
N PRO A 362 -17.62 -45.63 -11.01
CA PRO A 362 -18.67 -45.75 -9.98
C PRO A 362 -18.64 -44.50 -9.10
N ILE A 363 -17.49 -43.84 -9.11
CA ILE A 363 -17.29 -42.62 -8.37
C ILE A 363 -18.22 -41.58 -8.98
N ILE A 364 -18.36 -41.58 -10.30
CA ILE A 364 -19.25 -40.62 -10.96
C ILE A 364 -20.66 -40.53 -10.35
N GLU A 365 -21.33 -41.64 -10.04
CA GLU A 365 -22.64 -41.41 -9.44
C GLU A 365 -22.37 -41.07 -7.99
N MET A 366 -23.41 -41.12 -7.14
CA MET A 366 -23.27 -40.72 -5.73
C MET A 366 -22.99 -39.24 -5.74
N ILE A 367 -22.58 -38.75 -6.91
CA ILE A 367 -22.39 -37.34 -7.12
C ILE A 367 -23.74 -37.13 -7.81
N LYS A 368 -24.04 -37.92 -8.86
CA LYS A 368 -25.34 -37.80 -9.53
C LYS A 368 -26.46 -37.90 -8.49
N ASN A 369 -26.47 -38.98 -7.72
CA ASN A 369 -27.53 -39.22 -6.74
C ASN A 369 -27.51 -38.44 -5.43
N SER A 370 -26.80 -37.32 -5.40
CA SER A 370 -26.76 -36.50 -4.18
C SER A 370 -27.33 -35.13 -4.48
N ASN A 371 -28.00 -34.55 -3.51
CA ASN A 371 -28.65 -33.27 -3.74
C ASN A 371 -27.92 -31.97 -3.40
N ASN A 372 -26.60 -32.10 -3.24
CA ASN A 372 -25.71 -30.99 -2.92
C ASN A 372 -24.33 -31.59 -2.68
N ARG A 373 -23.34 -30.72 -2.63
CA ARG A 373 -21.95 -31.11 -2.49
C ARG A 373 -21.57 -31.65 -1.09
N LYS A 374 -22.10 -31.02 -0.05
CA LYS A 374 -21.85 -31.43 1.34
C LYS A 374 -22.07 -32.93 1.54
N GLU A 375 -23.21 -33.39 1.05
CA GLU A 375 -23.69 -34.77 1.16
C GLU A 375 -23.07 -35.72 0.15
N SER A 376 -22.51 -35.19 -0.92
CA SER A 376 -21.89 -36.06 -1.90
C SER A 376 -20.76 -36.78 -1.15
N GLU A 377 -19.87 -35.98 -0.58
CA GLU A 377 -18.68 -36.43 0.16
C GLU A 377 -18.91 -37.53 1.18
N GLU A 378 -19.95 -37.39 1.99
CA GLU A 378 -20.21 -38.39 3.01
C GLU A 378 -20.40 -39.77 2.41
N LYS A 379 -20.92 -39.83 1.19
CA LYS A 379 -21.09 -41.10 0.50
C LYS A 379 -19.71 -41.69 0.18
N LEU A 380 -18.66 -40.96 0.51
CA LEU A 380 -17.30 -41.43 0.22
C LEU A 380 -16.57 -41.74 1.51
N ILE A 381 -17.02 -41.10 2.59
CA ILE A 381 -16.47 -41.36 3.91
C ILE A 381 -17.36 -42.41 4.61
N SER A 382 -18.52 -42.69 4.01
CA SER A 382 -19.44 -43.70 4.58
C SER A 382 -19.41 -45.06 3.86
N GLN A 383 -19.02 -45.10 2.58
CA GLN A 383 -18.87 -46.39 1.90
C GLN A 383 -17.34 -46.61 1.96
N GLY A 384 -16.86 -47.85 1.85
CA GLY A 384 -15.42 -48.11 1.91
C GLY A 384 -14.88 -48.49 0.54
N TRP A 385 -13.79 -47.86 0.10
CA TRP A 385 -13.27 -48.10 -1.24
C TRP A 385 -12.30 -49.20 -1.62
N GLU A 386 -12.45 -49.69 -2.86
CA GLU A 386 -11.54 -50.73 -3.36
C GLU A 386 -10.31 -50.01 -3.87
N LEU A 387 -9.28 -50.78 -4.20
CA LEU A 387 -8.00 -50.20 -4.66
C LEU A 387 -7.60 -50.62 -6.07
N GLY A 388 -6.40 -50.21 -6.51
CA GLY A 388 -5.94 -50.57 -7.84
C GLY A 388 -4.45 -50.46 -8.09
N ASP A 400 2.85 -46.59 8.07
CA ASP A 400 3.66 -45.87 7.10
C ASP A 400 4.07 -44.46 7.52
N ALA A 401 5.33 -44.16 7.27
CA ALA A 401 5.95 -42.88 7.58
C ALA A 401 5.50 -41.72 6.69
N ALA A 402 4.56 -41.94 5.79
CA ALA A 402 4.12 -40.88 4.92
C ALA A 402 2.78 -40.28 5.36
N ARG A 403 2.19 -40.88 6.39
CA ARG A 403 0.88 -40.43 6.91
C ARG A 403 0.99 -39.15 7.72
N PRO A 404 0.13 -38.15 7.45
CA PRO A 404 0.26 -36.94 8.28
C PRO A 404 0.12 -37.38 9.71
N GLU A 405 0.52 -36.55 10.66
CA GLU A 405 0.42 -36.96 12.03
C GLU A 405 -0.98 -36.73 12.58
N TRP A 406 -1.71 -35.77 12.01
CA TRP A 406 -3.08 -35.49 12.46
C TRP A 406 -4.03 -36.59 12.03
N LEU A 407 -3.51 -37.58 11.32
CA LEU A 407 -4.29 -38.70 10.74
C LEU A 407 -4.60 -39.98 11.55
N GLU A 408 -5.87 -40.14 11.92
CA GLU A 408 -6.34 -41.30 12.70
C GLU A 408 -6.17 -42.65 11.95
N PRO A 409 -5.86 -43.74 12.70
CA PRO A 409 -5.64 -45.14 12.24
C PRO A 409 -6.50 -45.73 11.11
N GLU A 410 -7.48 -44.95 10.64
CA GLU A 410 -8.34 -45.32 9.51
C GLU A 410 -8.08 -44.34 8.32
N THR A 421 -10.89 -40.03 4.08
CA THR A 421 -11.25 -39.02 5.08
C THR A 421 -11.99 -37.86 4.43
N ALA A 422 -12.49 -36.93 5.24
CA ALA A 422 -13.20 -35.78 4.70
C ALA A 422 -12.26 -34.99 3.76
N GLU A 423 -11.05 -34.72 4.24
CA GLU A 423 -10.05 -33.99 3.45
C GLU A 423 -9.82 -34.58 2.06
N GLN A 424 -9.67 -35.91 1.97
CA GLN A 424 -9.45 -36.54 0.66
C GLN A 424 -10.65 -36.38 -0.28
N ALA A 425 -11.84 -36.59 0.26
CA ALA A 425 -13.05 -36.45 -0.54
C ALA A 425 -13.23 -35.03 -1.04
N LYS A 426 -12.74 -34.05 -0.30
CA LYS A 426 -12.85 -32.67 -0.77
C LYS A 426 -12.01 -32.58 -2.04
N ALA A 427 -10.83 -33.21 -2.01
CA ALA A 427 -9.90 -33.23 -3.14
C ALA A 427 -10.44 -33.99 -4.36
N ILE A 428 -11.27 -35.01 -4.14
CA ILE A 428 -11.86 -35.74 -5.25
C ILE A 428 -13.08 -34.96 -5.75
N VAL A 429 -14.01 -34.73 -4.84
CA VAL A 429 -15.25 -34.01 -5.17
C VAL A 429 -15.02 -32.65 -5.81
N ASP A 430 -13.85 -32.06 -5.56
CA ASP A 430 -13.49 -30.75 -6.11
C ASP A 430 -12.49 -30.90 -7.25
N LEU A 431 -12.32 -32.13 -7.72
CA LEU A 431 -11.38 -32.40 -8.81
C LEU A 431 -11.94 -31.95 -10.15
N GLN A 432 -11.07 -31.40 -11.00
CA GLN A 432 -11.55 -30.94 -12.28
C GLN A 432 -11.68 -32.07 -13.28
N LEU A 433 -12.76 -31.98 -14.06
CA LEU A 433 -13.11 -32.96 -15.07
C LEU A 433 -11.91 -33.38 -15.92
N TYR A 434 -11.10 -32.41 -16.31
CA TYR A 434 -9.95 -32.74 -17.16
C TYR A 434 -8.89 -33.55 -16.48
N LYS A 435 -9.09 -33.89 -15.22
CA LYS A 435 -8.03 -34.62 -14.54
C LYS A 435 -7.98 -36.08 -14.94
N LEU A 436 -9.08 -36.58 -15.50
CA LEU A 436 -9.09 -37.98 -15.93
C LEU A 436 -8.15 -38.21 -17.12
N SER A 437 -7.80 -37.14 -17.85
CA SER A 437 -6.88 -37.29 -18.98
C SER A 437 -5.62 -38.11 -18.67
N GLY A 438 -5.35 -39.02 -19.59
CA GLY A 438 -4.18 -39.88 -19.57
C GLY A 438 -2.93 -39.42 -18.86
N MET A 439 -2.32 -38.31 -19.25
CA MET A 439 -1.10 -37.87 -18.55
C MET A 439 -1.37 -37.16 -17.24
N GLU A 440 -2.60 -36.67 -17.03
CA GLU A 440 -2.92 -36.03 -15.75
C GLU A 440 -2.86 -37.13 -14.70
N HIS A 441 -3.52 -38.24 -15.01
CA HIS A 441 -3.54 -39.42 -14.15
C HIS A 441 -2.11 -39.83 -13.81
N ASP A 442 -1.27 -39.91 -14.85
CA ASP A 442 0.12 -40.26 -14.70
C ASP A 442 0.92 -39.16 -13.97
N LYS A 443 0.43 -37.93 -14.03
CA LYS A 443 1.09 -36.84 -13.32
C LYS A 443 0.73 -36.92 -11.83
N ILE A 444 -0.53 -37.19 -11.49
CA ILE A 444 -0.87 -37.23 -10.07
C ILE A 444 -0.32 -38.46 -9.33
N LEU A 445 0.37 -39.35 -10.03
CA LEU A 445 0.96 -40.49 -9.33
C LEU A 445 2.49 -40.63 -9.46
N SER A 446 3.11 -39.78 -10.29
CA SER A 446 4.57 -39.76 -10.35
C SER A 446 4.93 -38.82 -9.21
N GLU A 447 4.09 -37.80 -9.04
CA GLU A 447 4.30 -36.80 -7.99
C GLU A 447 4.12 -37.53 -6.67
N TYR A 448 3.01 -38.25 -6.55
CA TYR A 448 2.74 -39.05 -5.36
C TYR A 448 4.00 -39.86 -5.05
N LYS A 449 4.45 -40.63 -6.03
CA LYS A 449 5.65 -41.45 -5.90
C LYS A 449 6.90 -40.63 -5.55
N ALA A 450 7.03 -39.46 -6.17
CA ALA A 450 8.19 -38.59 -5.95
C ALA A 450 8.13 -38.00 -4.55
N LEU A 451 6.92 -37.79 -4.05
CA LEU A 451 6.75 -37.26 -2.72
C LEU A 451 7.23 -38.27 -1.66
N LEU A 452 7.14 -39.55 -1.97
CA LEU A 452 7.61 -40.57 -1.02
C LEU A 452 9.14 -40.60 -0.92
N ASP A 453 9.86 -40.14 -1.94
CA ASP A 453 11.34 -40.09 -1.85
C ASP A 453 11.69 -38.83 -1.07
N LEU A 454 10.88 -37.79 -1.27
CA LEU A 454 11.08 -36.52 -0.57
C LEU A 454 10.98 -36.70 0.94
N ILE A 455 9.92 -37.37 1.39
CA ILE A 455 9.75 -37.61 2.82
C ILE A 455 10.92 -38.42 3.38
N ALA A 456 11.34 -39.45 2.65
CA ALA A 456 12.48 -40.25 3.07
C ALA A 456 13.71 -39.34 3.21
N GLU A 457 14.05 -38.62 2.15
CA GLU A 457 15.19 -37.71 2.20
C GLU A 457 15.03 -36.73 3.36
N LEU A 458 13.86 -36.12 3.49
CA LEU A 458 13.64 -35.15 4.56
C LEU A 458 13.94 -35.66 5.97
N MET A 459 13.47 -36.85 6.35
CA MET A 459 13.76 -37.36 7.70
C MET A 459 15.25 -37.67 7.97
N HIS A 460 16.03 -38.03 6.95
CA HIS A 460 17.47 -38.29 7.16
C HIS A 460 18.05 -37.01 7.73
N ILE A 461 17.81 -35.94 6.97
CA ILE A 461 18.30 -34.61 7.30
C ILE A 461 17.96 -34.20 8.73
N LEU A 462 16.71 -34.38 9.16
CA LEU A 462 16.31 -34.02 10.51
C LEU A 462 16.90 -34.96 11.58
N ALA A 463 16.93 -36.26 11.28
CA ALA A 463 17.44 -37.24 12.24
C ALA A 463 18.95 -37.14 12.50
N THR A 464 19.67 -36.73 11.46
CA THR A 464 21.14 -36.66 11.46
C THR A 464 21.87 -35.31 11.58
N PRO A 465 22.36 -34.94 12.79
CA PRO A 465 23.07 -33.65 12.88
C PRO A 465 24.04 -33.34 11.72
N ALA A 466 24.73 -34.37 11.23
CA ALA A 466 25.68 -34.20 10.13
C ALA A 466 25.10 -33.86 8.76
N ARG A 467 24.01 -34.49 8.36
CA ARG A 467 23.43 -34.18 7.04
C ARG A 467 23.01 -32.72 7.06
N LEU A 468 22.47 -32.31 8.20
CA LEU A 468 22.03 -30.94 8.39
C LEU A 468 23.14 -29.90 8.28
N MET A 469 24.25 -30.11 8.99
CA MET A 469 25.37 -29.18 8.92
C MET A 469 25.88 -29.22 7.50
N GLU A 470 25.78 -30.39 6.88
CA GLU A 470 26.21 -30.53 5.48
C GLU A 470 25.36 -29.60 4.61
N VAL A 471 24.05 -29.58 4.84
CA VAL A 471 23.21 -28.67 4.08
C VAL A 471 23.65 -27.22 4.34
N ILE A 472 23.86 -26.86 5.62
CA ILE A 472 24.28 -25.50 5.96
C ILE A 472 25.59 -25.15 5.27
N CYS A 473 26.51 -26.11 5.17
CA CYS A 473 27.81 -25.85 4.51
C CYS A 473 27.68 -25.63 2.99
N GLU A 474 26.69 -26.25 2.36
CA GLU A 474 26.54 -26.07 0.92
C GLU A 474 25.86 -24.74 0.63
N GLU A 475 25.10 -24.27 1.60
CA GLU A 475 24.42 -23.01 1.41
C GLU A 475 25.47 -21.93 1.55
N LEU A 476 26.33 -22.03 2.55
CA LEU A 476 27.38 -21.02 2.74
C LEU A 476 28.31 -21.01 1.53
N VAL A 477 28.67 -22.17 0.99
CA VAL A 477 29.54 -22.18 -0.18
C VAL A 477 28.84 -21.54 -1.39
N ALA A 478 27.52 -21.75 -1.46
CA ALA A 478 26.70 -21.23 -2.55
C ALA A 478 26.70 -19.72 -2.52
N ILE A 479 26.47 -19.13 -1.35
CA ILE A 479 26.47 -17.69 -1.30
C ILE A 479 27.91 -17.18 -1.45
N ARG A 480 28.90 -17.86 -0.88
CA ARG A 480 30.27 -17.41 -1.09
C ARG A 480 30.63 -17.41 -2.58
N ASP A 481 30.04 -18.34 -3.34
CA ASP A 481 30.31 -18.42 -4.77
C ASP A 481 29.68 -17.28 -5.54
N GLU A 482 28.41 -17.02 -5.28
CA GLU A 482 27.68 -15.97 -6.01
C GLU A 482 27.99 -14.51 -5.62
N PHE A 483 28.18 -14.27 -4.32
CA PHE A 483 28.44 -12.90 -3.82
C PHE A 483 29.87 -12.56 -3.34
N GLY A 484 30.76 -13.55 -3.21
CA GLY A 484 32.11 -13.28 -2.74
C GLY A 484 32.96 -12.42 -3.67
N ASP A 485 33.63 -11.41 -3.10
CA ASP A 485 34.43 -10.45 -3.87
C ASP A 485 35.74 -10.14 -3.18
N GLU A 486 36.65 -9.51 -3.92
CA GLU A 486 37.97 -9.16 -3.41
C GLU A 486 37.88 -8.29 -2.17
N ARG A 487 39.03 -8.09 -1.53
CA ARG A 487 39.11 -7.19 -0.39
C ARG A 487 39.29 -5.81 -1.01
N ARG A 488 38.88 -4.75 -0.31
CA ARG A 488 39.05 -3.41 -0.86
C ARG A 488 40.06 -2.61 -0.05
N THR A 489 39.89 -2.57 1.27
CA THR A 489 40.80 -1.85 2.14
C THR A 489 42.11 -2.64 2.37
N GLU A 490 43.25 -1.92 2.32
CA GLU A 490 44.54 -2.55 2.56
C GLU A 490 44.88 -2.49 4.06
N ILE A 491 45.44 -3.57 4.59
CA ILE A 491 45.82 -3.60 5.98
C ILE A 491 47.35 -3.62 6.19
N THR A 492 47.93 -2.51 6.65
CA THR A 492 49.37 -2.43 6.93
C THR A 492 49.70 -2.68 8.42
N ALA B 3 -6.23 22.98 -7.77
CA ALA B 3 -7.12 22.30 -8.75
C ALA B 3 -8.59 22.60 -8.46
N LEU B 4 -9.44 22.39 -9.47
CA LEU B 4 -10.88 22.58 -9.31
C LEU B 4 -11.57 21.19 -9.36
N PRO B 5 -12.82 21.10 -8.87
CA PRO B 5 -13.54 19.83 -8.88
C PRO B 5 -14.20 19.56 -10.25
N ASP B 6 -14.38 18.28 -10.60
CA ASP B 6 -15.08 17.97 -11.84
C ASP B 6 -16.55 18.37 -11.63
N VAL B 7 -17.17 18.96 -12.63
CA VAL B 7 -18.55 19.37 -12.47
C VAL B 7 -19.53 18.21 -12.38
N ARG B 8 -19.08 16.99 -12.68
CA ARG B 8 -19.97 15.84 -12.67
C ARG B 8 -20.03 15.12 -11.37
N ASP B 9 -18.89 14.95 -10.68
CA ASP B 9 -18.86 14.25 -9.39
C ASP B 9 -18.47 15.14 -8.20
N GLY B 10 -18.15 16.41 -8.50
CA GLY B 10 -17.78 17.37 -7.48
C GLY B 10 -16.46 17.10 -6.75
N LEU B 11 -15.61 16.22 -7.29
CA LEU B 11 -14.34 15.93 -6.65
C LEU B 11 -13.08 16.49 -7.34
N LYS B 12 -12.06 16.73 -6.53
CA LYS B 12 -10.73 17.16 -6.98
C LYS B 12 -9.92 15.86 -7.06
N PRO B 13 -8.83 15.87 -7.81
CA PRO B 13 -8.05 14.62 -7.90
C PRO B 13 -7.82 13.84 -6.59
N VAL B 14 -7.26 14.45 -5.55
CA VAL B 14 -7.03 13.74 -4.27
C VAL B 14 -8.31 13.20 -3.63
N HIS B 15 -9.40 13.93 -3.78
CA HIS B 15 -10.65 13.45 -3.22
C HIS B 15 -10.93 12.09 -3.85
N ARG B 16 -10.82 12.05 -5.16
CA ARG B 16 -11.10 10.89 -5.97
C ARG B 16 -10.04 9.83 -5.72
N ARG B 17 -8.78 10.24 -5.61
CA ARG B 17 -7.75 9.25 -5.36
C ARG B 17 -8.00 8.55 -4.00
N VAL B 18 -8.43 9.30 -2.98
CA VAL B 18 -8.71 8.72 -1.65
C VAL B 18 -9.90 7.76 -1.65
N LEU B 19 -11.01 8.18 -2.25
CA LEU B 19 -12.19 7.32 -2.28
C LEU B 19 -11.94 6.02 -3.09
N PHE B 20 -11.22 6.15 -4.20
CA PHE B 20 -10.92 4.99 -5.03
C PHE B 20 -10.04 3.98 -4.27
N ALA B 21 -9.13 4.50 -3.46
CA ALA B 21 -8.25 3.65 -2.65
C ALA B 21 -9.04 2.83 -1.63
N MET B 22 -10.03 3.48 -1.01
CA MET B 22 -10.85 2.83 0.00
C MET B 22 -11.77 1.80 -0.65
N ASP B 23 -12.24 2.11 -1.85
CA ASP B 23 -13.11 1.18 -2.53
C ASP B 23 -12.32 -0.05 -2.89
N VAL B 24 -11.11 0.15 -3.43
CA VAL B 24 -10.24 -0.94 -3.87
C VAL B 24 -9.81 -1.80 -2.69
N LEU B 25 -9.57 -1.14 -1.56
CA LEU B 25 -9.14 -1.79 -0.35
C LEU B 25 -10.28 -2.52 0.40
N GLY B 26 -11.53 -2.35 -0.05
CA GLY B 26 -12.68 -2.96 0.61
C GLY B 26 -13.10 -2.28 1.90
N ASN B 27 -12.78 -1.00 2.02
CA ASN B 27 -13.07 -0.20 3.21
C ASN B 27 -14.52 0.22 3.14
N ASP B 28 -15.43 -0.76 3.16
CA ASP B 28 -16.87 -0.51 3.02
C ASP B 28 -17.59 -0.03 4.27
N TRP B 29 -18.74 0.61 4.05
CA TRP B 29 -19.56 1.16 5.12
C TRP B 29 -20.02 0.06 6.06
N ASN B 30 -19.99 -1.15 5.51
CA ASN B 30 -20.41 -2.42 6.13
C ASN B 30 -19.46 -3.11 7.08
N LYS B 31 -18.19 -3.13 6.67
CA LYS B 31 -17.15 -3.87 7.36
C LYS B 31 -16.39 -3.09 8.41
N ALA B 32 -15.44 -3.75 9.04
CA ALA B 32 -14.69 -3.16 10.12
C ALA B 32 -13.85 -1.94 9.71
N TYR B 33 -13.76 -0.99 10.63
CA TYR B 33 -12.96 0.20 10.48
C TYR B 33 -11.49 -0.16 10.22
N LYS B 34 -10.82 0.64 9.39
CA LYS B 34 -9.40 0.43 9.14
C LYS B 34 -8.69 1.65 9.68
N LYS B 35 -7.40 1.51 9.99
CA LYS B 35 -6.66 2.66 10.47
C LYS B 35 -6.41 3.64 9.31
N SER B 36 -6.66 4.93 9.56
CA SER B 36 -6.43 5.91 8.50
C SER B 36 -5.08 5.73 7.81
N ALA B 37 -4.04 5.40 8.59
CA ALA B 37 -2.70 5.22 8.05
C ALA B 37 -2.63 4.15 6.96
N ARG B 38 -3.53 3.17 6.99
CA ARG B 38 -3.53 2.12 5.98
C ARG B 38 -4.03 2.72 4.67
N VAL B 39 -4.98 3.64 4.78
CA VAL B 39 -5.51 4.31 3.59
C VAL B 39 -4.55 5.40 3.11
N VAL B 40 -4.03 6.22 4.02
CA VAL B 40 -3.07 7.23 3.61
C VAL B 40 -1.89 6.64 2.81
N GLY B 41 -1.23 5.63 3.37
CA GLY B 41 -0.09 5.01 2.73
C GLY B 41 -0.39 4.45 1.34
N ASP B 42 -1.59 3.93 1.14
CA ASP B 42 -1.99 3.36 -0.14
C ASP B 42 -2.12 4.44 -1.21
N VAL B 43 -2.67 5.58 -0.79
CA VAL B 43 -2.86 6.73 -1.68
C VAL B 43 -1.49 7.25 -2.12
N ILE B 44 -0.63 7.54 -1.14
CA ILE B 44 0.72 8.06 -1.39
C ILE B 44 1.59 7.20 -2.30
N GLY B 45 1.50 5.88 -2.14
CA GLY B 45 2.31 4.97 -2.92
C GLY B 45 1.74 4.65 -4.27
N LYS B 46 0.42 4.67 -4.42
CA LYS B 46 -0.25 4.31 -5.67
C LYS B 46 -0.86 5.44 -6.48
N TYR B 47 -1.32 6.51 -5.84
CA TYR B 47 -1.97 7.57 -6.61
C TYR B 47 -1.53 9.01 -6.38
N HIS B 48 -0.81 9.26 -5.29
CA HIS B 48 -0.43 10.63 -4.96
C HIS B 48 0.84 10.62 -4.07
N PRO B 49 2.05 10.51 -4.68
CA PRO B 49 3.36 10.47 -4.01
C PRO B 49 3.92 11.67 -3.24
N HIS B 50 3.24 12.11 -2.18
CA HIS B 50 3.77 13.25 -1.44
C HIS B 50 3.76 13.07 0.08
N GLY B 51 4.83 13.54 0.72
CA GLY B 51 4.94 13.45 2.16
C GLY B 51 4.15 14.58 2.77
N ASP B 52 3.19 15.08 2.00
CA ASP B 52 2.26 16.14 2.40
C ASP B 52 1.34 15.60 3.49
N THR B 53 0.35 16.43 3.80
CA THR B 53 -0.68 16.05 4.74
C THR B 53 -1.97 16.26 3.96
N ALA B 54 -1.83 16.60 2.68
CA ALA B 54 -2.98 16.82 1.81
C ALA B 54 -3.92 15.61 1.87
N VAL B 55 -3.31 14.43 1.86
CA VAL B 55 -4.08 13.19 1.89
C VAL B 55 -4.77 12.98 3.23
N TYR B 56 -4.03 13.03 4.33
CA TYR B 56 -4.66 12.85 5.63
C TYR B 56 -5.73 13.92 5.82
N ASP B 57 -5.43 15.13 5.35
CA ASP B 57 -6.31 16.30 5.44
C ASP B 57 -7.59 16.09 4.66
N THR B 58 -7.46 15.51 3.48
CA THR B 58 -8.59 15.20 2.64
C THR B 58 -9.50 14.27 3.43
N ILE B 59 -8.88 13.29 4.11
CA ILE B 59 -9.59 12.28 4.89
C ILE B 59 -10.33 12.88 6.07
N VAL B 60 -9.66 13.69 6.88
CA VAL B 60 -10.32 14.29 8.05
C VAL B 60 -11.51 15.16 7.62
N ARG B 61 -11.32 16.08 6.67
CA ARG B 61 -12.42 16.91 6.22
C ARG B 61 -13.64 16.11 5.78
N MET B 62 -13.43 15.05 4.99
CA MET B 62 -14.55 14.24 4.55
C MET B 62 -15.34 13.61 5.71
N ALA B 63 -14.77 13.61 6.91
CA ALA B 63 -15.48 13.00 8.02
C ALA B 63 -16.01 13.98 9.07
N GLN B 64 -16.03 15.28 8.77
CA GLN B 64 -16.53 16.25 9.75
C GLN B 64 -17.97 16.64 9.47
N PRO B 65 -18.87 16.35 10.44
CA PRO B 65 -20.31 16.66 10.30
C PRO B 65 -20.46 18.17 10.12
N PHE B 66 -19.48 18.93 10.58
CA PHE B 66 -19.53 20.37 10.45
C PHE B 66 -18.86 20.85 9.15
N SER B 67 -18.17 19.94 8.43
CA SER B 67 -17.51 20.30 7.18
C SER B 67 -18.34 19.95 5.96
N LEU B 68 -18.87 18.73 5.92
CA LEU B 68 -19.68 18.27 4.79
C LEU B 68 -21.17 18.12 5.10
N ARG B 69 -22.02 18.56 4.17
CA ARG B 69 -23.46 18.45 4.36
C ARG B 69 -23.87 16.96 4.35
N TYR B 70 -23.12 16.14 3.60
CA TYR B 70 -23.35 14.69 3.52
C TYR B 70 -21.98 14.05 3.50
N MET B 71 -21.54 13.59 4.67
CA MET B 71 -20.22 13.01 4.82
C MET B 71 -19.89 11.84 3.91
N LEU B 72 -18.63 11.83 3.47
CA LEU B 72 -18.12 10.82 2.56
C LEU B 72 -17.27 9.78 3.25
N VAL B 73 -16.94 10.05 4.50
CA VAL B 73 -16.16 9.11 5.30
C VAL B 73 -16.84 8.99 6.64
N ASP B 74 -16.82 7.78 7.20
CA ASP B 74 -17.37 7.52 8.51
C ASP B 74 -16.17 7.18 9.39
N GLY B 75 -15.81 8.08 10.30
CA GLY B 75 -14.68 7.81 11.16
C GLY B 75 -14.98 7.57 12.64
N GLN B 76 -14.02 6.94 13.30
CA GLN B 76 -14.10 6.63 14.72
C GLN B 76 -12.80 7.21 15.28
N GLY B 77 -12.89 8.03 16.32
CA GLY B 77 -11.72 8.68 16.89
C GLY B 77 -11.80 10.20 16.78
N ASN B 78 -10.72 10.90 17.14
CA ASN B 78 -10.75 12.35 17.14
C ASN B 78 -10.37 13.05 15.84
N PHE B 79 -11.38 13.61 15.17
CA PHE B 79 -11.20 14.27 13.88
C PHE B 79 -11.29 15.80 13.91
N GLY B 80 -11.19 16.37 15.10
CA GLY B 80 -11.30 17.80 15.21
C GLY B 80 -12.71 18.18 15.62
N SER B 81 -12.97 19.48 15.67
CA SER B 81 -14.26 20.00 16.10
C SER B 81 -14.44 21.42 15.59
N VAL B 82 -15.65 21.94 15.71
CA VAL B 82 -15.90 23.33 15.31
C VAL B 82 -15.02 24.30 16.10
N ASP B 83 -14.40 23.84 17.18
CA ASP B 83 -13.53 24.72 17.96
C ASP B 83 -12.11 24.76 17.45
N GLY B 84 -11.86 24.14 16.29
CA GLY B 84 -10.53 24.15 15.71
C GLY B 84 -9.44 23.17 16.14
N ASP B 85 -9.76 22.17 16.98
CA ASP B 85 -8.77 21.14 17.34
C ASP B 85 -8.32 20.37 16.09
N SER B 86 -7.09 19.88 16.14
CA SER B 86 -6.53 19.10 15.05
C SER B 86 -7.12 17.71 15.19
N ALA B 87 -7.00 16.91 14.15
CA ALA B 87 -7.44 15.55 14.26
C ALA B 87 -6.29 14.83 14.99
N ALA B 88 -6.54 13.63 15.49
CA ALA B 88 -5.45 12.87 16.11
C ALA B 88 -4.64 12.32 14.93
N ALA B 89 -3.44 11.81 15.21
CA ALA B 89 -2.61 11.29 14.14
C ALA B 89 -3.31 10.11 13.47
N MET B 90 -2.94 9.88 12.22
CA MET B 90 -3.46 8.82 11.36
C MET B 90 -3.26 7.40 11.88
N ARG B 91 -2.39 7.22 12.88
CA ARG B 91 -2.14 5.88 13.40
C ARG B 91 -3.13 5.56 14.54
N TYR B 92 -3.87 6.57 14.99
CA TYR B 92 -4.85 6.42 16.08
C TYR B 92 -6.28 6.54 15.63
N THR B 93 -6.48 6.92 14.38
CA THR B 93 -7.82 7.17 13.94
C THR B 93 -8.30 6.09 12.99
N GLU B 94 -9.59 5.80 13.02
CA GLU B 94 -10.16 4.73 12.19
C GLU B 94 -11.15 5.25 11.15
N ILE B 95 -11.19 4.57 10.01
CA ILE B 95 -11.99 5.01 8.86
C ILE B 95 -12.70 3.92 8.04
N ARG B 96 -13.75 4.32 7.32
CA ARG B 96 -14.53 3.46 6.43
C ARG B 96 -15.41 4.40 5.57
N MET B 97 -15.77 3.96 4.36
CA MET B 97 -16.61 4.78 3.48
C MET B 97 -17.99 4.87 4.12
N SER B 98 -18.66 6.00 3.96
CA SER B 98 -20.00 6.12 4.53
C SER B 98 -20.91 5.44 3.54
N LYS B 99 -22.16 5.21 3.92
CA LYS B 99 -23.10 4.58 3.01
C LYS B 99 -23.25 5.40 1.71
N ILE B 100 -23.51 6.70 1.83
CA ILE B 100 -23.73 7.54 0.65
C ILE B 100 -22.51 7.54 -0.25
N ALA B 101 -21.35 7.21 0.31
CA ALA B 101 -20.13 7.18 -0.50
C ALA B 101 -20.17 6.05 -1.54
N HIS B 102 -20.75 4.91 -1.20
CA HIS B 102 -20.84 3.79 -2.16
C HIS B 102 -21.72 4.18 -3.35
N SER B 103 -22.56 5.19 -3.15
CA SER B 103 -23.48 5.65 -4.19
C SER B 103 -22.76 6.55 -5.17
N ILE B 104 -21.67 7.18 -4.74
CA ILE B 104 -20.89 8.02 -5.65
C ILE B 104 -20.01 7.08 -6.47
N LEU B 105 -19.72 5.91 -5.91
CA LEU B 105 -18.86 4.98 -6.62
C LEU B 105 -19.57 3.82 -7.29
N ALA B 106 -20.90 3.79 -7.17
CA ALA B 106 -21.67 2.70 -7.73
C ALA B 106 -21.44 2.51 -9.23
N ASP B 107 -21.15 1.25 -9.60
CA ASP B 107 -20.93 0.76 -10.97
C ASP B 107 -19.61 1.10 -11.62
N LEU B 108 -18.60 1.37 -10.77
CA LEU B 108 -17.25 1.67 -11.24
C LEU B 108 -16.71 0.36 -11.83
N ASP B 109 -17.38 -0.74 -11.49
CA ASP B 109 -17.02 -2.08 -11.91
C ASP B 109 -17.62 -2.49 -13.27
N LYS B 110 -18.49 -1.65 -13.83
CA LYS B 110 -19.15 -2.00 -15.08
C LYS B 110 -18.82 -1.12 -16.28
N GLU B 111 -17.57 -0.68 -16.34
CA GLU B 111 -17.08 0.16 -17.45
C GLU B 111 -17.97 1.34 -17.79
N THR B 112 -18.23 2.14 -16.76
CA THR B 112 -19.06 3.34 -16.86
C THR B 112 -18.25 4.62 -17.06
N VAL B 113 -17.01 4.63 -16.57
CA VAL B 113 -16.17 5.81 -16.66
C VAL B 113 -14.75 5.51 -17.15
N ASP B 114 -14.11 6.52 -17.74
CA ASP B 114 -12.75 6.35 -18.23
C ASP B 114 -11.71 6.26 -17.08
N PHE B 115 -10.92 5.20 -17.04
CA PHE B 115 -9.85 5.12 -16.06
C PHE B 115 -8.63 5.90 -16.63
N VAL B 116 -7.47 5.85 -15.98
CA VAL B 116 -6.37 6.66 -16.50
C VAL B 116 -5.06 6.30 -15.79
N PRO B 117 -3.90 6.52 -16.43
CA PRO B 117 -2.71 6.12 -15.66
C PRO B 117 -2.38 6.96 -14.42
N ASN B 118 -1.82 6.31 -13.39
CA ASN B 118 -1.44 7.06 -12.20
C ASN B 118 -0.12 7.77 -12.51
N TYR B 119 0.60 8.26 -11.51
CA TYR B 119 1.82 9.01 -11.79
C TYR B 119 2.92 8.29 -12.60
N ASP B 120 2.90 6.95 -12.60
CA ASP B 120 3.82 6.18 -13.43
C ASP B 120 2.87 5.27 -14.24
N GLY B 121 3.35 4.19 -14.83
CA GLY B 121 2.37 3.37 -15.54
C GLY B 121 1.82 2.59 -14.38
N THR B 122 2.01 1.30 -14.42
CA THR B 122 1.67 0.40 -13.31
C THR B 122 0.34 0.39 -12.56
N GLU B 123 -0.42 1.48 -12.58
CA GLU B 123 -1.74 1.46 -11.94
C GLU B 123 -2.63 2.37 -12.81
N HIS B 124 -3.94 2.13 -12.76
CA HIS B 124 -4.92 2.93 -13.48
C HIS B 124 -5.96 3.50 -12.48
N ILE B 125 -6.57 4.65 -12.77
CA ILE B 125 -7.56 5.24 -11.86
C ILE B 125 -8.66 6.06 -12.56
N PRO B 126 -9.92 5.94 -12.09
CA PRO B 126 -11.04 6.69 -12.69
C PRO B 126 -10.82 8.20 -12.80
N ALA B 127 -11.28 8.78 -13.90
CA ALA B 127 -11.16 10.21 -14.15
C ALA B 127 -12.35 10.89 -13.48
N VAL B 128 -13.45 10.14 -13.36
CA VAL B 128 -14.64 10.60 -12.67
C VAL B 128 -15.32 9.41 -12.08
N MET B 129 -16.21 9.69 -11.13
CA MET B 129 -16.98 8.65 -10.48
C MET B 129 -18.33 8.54 -11.13
N PRO B 130 -18.86 7.32 -11.18
CA PRO B 130 -20.17 7.00 -11.77
C PRO B 130 -21.25 7.40 -10.78
N THR B 131 -21.07 8.53 -10.11
CA THR B 131 -21.97 8.96 -9.06
C THR B 131 -23.47 9.09 -9.30
N ARG B 132 -24.23 8.38 -8.48
CA ARG B 132 -25.68 8.44 -8.55
C ARG B 132 -26.13 9.65 -7.69
N VAL B 133 -25.15 10.36 -7.12
CA VAL B 133 -25.41 11.53 -6.28
C VAL B 133 -24.83 12.78 -6.90
N PRO B 134 -25.59 13.89 -6.93
CA PRO B 134 -25.07 15.14 -7.51
C PRO B 134 -24.23 15.81 -6.44
N ASN B 135 -23.04 15.28 -6.25
CA ASN B 135 -22.14 15.75 -5.23
C ASN B 135 -21.64 17.18 -5.31
N LEU B 136 -21.52 17.72 -6.52
CA LEU B 136 -21.07 19.09 -6.71
C LEU B 136 -21.89 20.09 -5.92
N LEU B 137 -23.22 20.01 -6.04
CA LEU B 137 -24.13 20.91 -5.33
C LEU B 137 -24.34 20.54 -3.86
N VAL B 138 -24.68 19.27 -3.68
CA VAL B 138 -24.99 18.72 -2.40
C VAL B 138 -23.87 18.98 -1.38
N ASN B 139 -22.61 18.67 -1.73
CA ASN B 139 -21.51 18.90 -0.79
C ASN B 139 -20.71 20.17 -1.05
N GLY B 140 -20.94 20.86 -2.17
CA GLY B 140 -20.22 22.08 -2.46
C GLY B 140 -18.72 21.92 -2.58
N THR B 141 -18.00 23.03 -2.76
CA THR B 141 -16.55 23.00 -2.94
C THR B 141 -15.92 24.38 -2.70
N SER B 142 -14.71 24.39 -2.14
CA SER B 142 -14.02 25.65 -1.87
C SER B 142 -12.89 25.84 -2.90
N ALA B 149 -10.29 31.24 -7.63
CA ALA B 149 -10.77 30.18 -6.74
C ALA B 149 -12.18 29.72 -7.18
N THR B 150 -12.80 28.88 -6.35
CA THR B 150 -14.18 28.42 -6.52
C THR B 150 -14.73 28.50 -5.12
N ASN B 151 -16.04 28.57 -5.03
CA ASN B 151 -16.67 28.60 -3.75
C ASN B 151 -18.17 28.38 -3.98
N ILE B 152 -18.50 27.08 -3.93
CA ILE B 152 -19.86 26.57 -4.13
C ILE B 152 -20.28 26.01 -2.77
N PRO B 153 -21.36 26.57 -2.17
CA PRO B 153 -21.93 26.20 -0.86
C PRO B 153 -22.72 24.90 -0.93
N PRO B 154 -22.90 24.20 0.21
CA PRO B 154 -23.67 22.94 0.15
C PRO B 154 -25.15 23.15 -0.08
N HIS B 155 -25.86 22.07 -0.37
CA HIS B 155 -27.29 22.15 -0.64
C HIS B 155 -28.01 20.91 -0.12
N ASN B 156 -29.34 20.95 -0.08
CA ASN B 156 -30.15 19.85 0.42
C ASN B 156 -30.30 18.77 -0.65
N LEU B 157 -30.04 17.52 -0.30
CA LEU B 157 -30.13 16.41 -1.25
C LEU B 157 -31.56 16.24 -1.77
N THR B 158 -32.54 16.30 -0.88
CA THR B 158 -33.94 16.17 -1.27
C THR B 158 -34.34 17.24 -2.27
N GLU B 159 -33.89 18.46 -2.04
CA GLU B 159 -34.23 19.59 -2.90
C GLU B 159 -33.58 19.45 -4.27
N VAL B 160 -32.31 19.04 -4.30
CA VAL B 160 -31.62 18.92 -5.57
C VAL B 160 -32.18 17.78 -6.40
N ILE B 161 -32.52 16.68 -5.73
CA ILE B 161 -33.04 15.52 -6.43
C ILE B 161 -34.32 15.98 -7.11
N ASN B 162 -35.19 16.65 -6.37
CA ASN B 162 -36.45 17.12 -6.96
C ASN B 162 -36.22 18.05 -8.14
N ALA B 163 -35.17 18.87 -8.06
CA ALA B 163 -34.88 19.80 -9.15
C ALA B 163 -34.53 19.00 -10.39
N CYS B 164 -33.94 17.83 -10.18
CA CYS B 164 -33.56 16.90 -11.24
C CYS B 164 -34.76 16.12 -11.81
N LEU B 165 -35.64 15.64 -10.95
CA LEU B 165 -36.80 14.93 -11.47
C LEU B 165 -37.50 15.92 -12.40
N ALA B 166 -37.77 17.11 -11.86
CA ALA B 166 -38.41 18.18 -12.61
C ALA B 166 -37.72 18.46 -13.94
N LEU B 167 -36.39 18.51 -13.95
CA LEU B 167 -35.67 18.79 -15.20
C LEU B 167 -35.87 17.67 -16.22
N ILE B 168 -36.03 16.44 -15.73
CA ILE B 168 -36.25 15.30 -16.60
C ILE B 168 -37.63 15.37 -17.26
N ASP B 169 -38.65 15.80 -16.49
CA ASP B 169 -40.00 15.88 -17.06
C ASP B 169 -40.12 17.09 -17.96
N ASN B 170 -39.18 18.03 -17.84
CA ASN B 170 -39.23 19.25 -18.65
C ASN B 170 -37.89 19.94 -18.70
N SER B 171 -37.21 19.83 -19.84
CA SER B 171 -35.90 20.41 -19.98
C SER B 171 -35.93 21.91 -20.29
N GLU B 172 -37.12 22.49 -20.36
CA GLU B 172 -37.24 23.94 -20.57
C GLU B 172 -37.59 24.53 -19.21
N LEU B 173 -37.13 23.83 -18.18
CA LEU B 173 -37.32 24.26 -16.79
C LEU B 173 -36.74 25.66 -16.61
N THR B 174 -37.56 26.58 -16.10
CA THR B 174 -37.10 27.93 -15.86
C THR B 174 -36.35 28.09 -14.53
N PHE B 175 -35.55 29.15 -14.46
CA PHE B 175 -34.81 29.43 -13.26
C PHE B 175 -35.80 29.63 -12.13
N GLU B 176 -36.91 30.28 -12.44
CA GLU B 176 -37.93 30.55 -11.44
C GLU B 176 -38.48 29.26 -10.84
N GLU B 177 -38.69 28.25 -11.68
CA GLU B 177 -39.21 26.98 -11.18
C GLU B 177 -38.16 26.24 -10.36
N ILE B 178 -36.89 26.44 -10.69
CA ILE B 178 -35.79 25.78 -9.97
C ILE B 178 -35.75 26.31 -8.54
N LEU B 179 -35.91 27.64 -8.40
CA LEU B 179 -35.93 28.26 -7.08
C LEU B 179 -36.97 27.69 -6.13
N GLU B 180 -38.02 27.11 -6.68
CA GLU B 180 -39.05 26.54 -5.82
C GLU B 180 -38.61 25.21 -5.17
N HIS B 181 -37.76 24.46 -5.87
CA HIS B 181 -37.25 23.20 -5.34
C HIS B 181 -35.98 23.48 -4.54
N ILE B 182 -35.15 24.40 -5.05
CA ILE B 182 -33.90 24.76 -4.38
C ILE B 182 -33.96 26.29 -4.08
N PRO B 183 -34.50 26.67 -2.91
CA PRO B 183 -34.55 28.11 -2.63
C PRO B 183 -33.17 28.70 -2.32
N GLY B 184 -32.22 27.85 -1.93
CA GLY B 184 -30.88 28.33 -1.63
C GLY B 184 -30.07 27.24 -0.97
N PRO B 185 -28.81 27.56 -0.58
CA PRO B 185 -27.92 26.60 0.08
C PRO B 185 -28.55 26.04 1.36
N ASP B 186 -27.92 25.01 1.91
CA ASP B 186 -28.34 24.35 3.15
C ASP B 186 -27.05 23.85 3.79
N PHE B 187 -26.48 24.65 4.67
CA PHE B 187 -25.22 24.29 5.33
C PHE B 187 -25.38 23.20 6.39
N PRO B 188 -24.35 22.38 6.55
CA PRO B 188 -24.39 21.31 7.55
C PRO B 188 -24.53 21.91 8.96
N THR B 189 -24.14 23.18 9.10
CA THR B 189 -24.19 23.87 10.37
C THR B 189 -25.46 24.68 10.65
N ALA B 190 -26.51 24.51 9.83
CA ALA B 190 -27.74 25.28 10.01
C ALA B 190 -27.54 26.78 9.76
N GLY B 191 -28.12 27.60 10.62
CA GLY B 191 -28.00 29.04 10.47
C GLY B 191 -29.15 29.68 9.71
N ILE B 192 -28.96 30.95 9.35
CA ILE B 192 -29.97 31.68 8.64
C ILE B 192 -29.31 32.48 7.53
N ILE B 193 -29.87 32.37 6.34
CA ILE B 193 -29.41 33.14 5.19
C ILE B 193 -30.39 34.29 5.03
N SER B 194 -29.89 35.43 4.56
CA SER B 194 -30.74 36.57 4.28
C SER B 194 -30.27 37.08 2.91
N GLY B 195 -31.14 37.75 2.17
CA GLY B 195 -30.72 38.26 0.88
C GLY B 195 -30.97 37.32 -0.28
N ARG B 196 -32.25 37.15 -0.61
CA ARG B 196 -32.65 36.31 -1.72
C ARG B 196 -32.08 36.70 -3.07
N ALA B 197 -31.92 38.01 -3.30
CA ALA B 197 -31.37 38.49 -4.55
C ALA B 197 -30.02 37.85 -4.83
N GLY B 198 -29.20 37.75 -3.79
CA GLY B 198 -27.89 37.15 -3.95
C GLY B 198 -28.04 35.72 -4.45
N ILE B 199 -29.00 35.00 -3.87
CA ILE B 199 -29.27 33.62 -4.23
C ILE B 199 -29.71 33.50 -5.69
N GLU B 200 -30.65 34.35 -6.11
CA GLU B 200 -31.11 34.33 -7.50
C GLU B 200 -30.06 34.83 -8.48
N GLU B 201 -29.25 35.81 -8.09
CA GLU B 201 -28.23 36.30 -9.00
C GLU B 201 -27.19 35.23 -9.25
N ALA B 202 -26.79 34.56 -8.18
CA ALA B 202 -25.78 33.50 -8.24
C ALA B 202 -26.33 32.34 -9.02
N TYR B 203 -27.56 31.93 -8.73
CA TYR B 203 -28.10 30.81 -9.49
C TYR B 203 -28.21 31.10 -10.99
N ARG B 204 -28.55 32.34 -11.36
CA ARG B 204 -28.67 32.71 -12.77
C ARG B 204 -27.31 33.02 -13.40
N THR B 205 -26.35 33.45 -12.59
CA THR B 205 -25.05 33.86 -13.10
C THR B 205 -23.80 33.04 -12.79
N GLY B 206 -23.69 32.57 -11.55
CA GLY B 206 -22.52 31.82 -11.12
C GLY B 206 -21.78 32.64 -10.07
N ARG B 207 -22.21 33.90 -9.90
CA ARG B 207 -21.60 34.80 -8.92
C ARG B 207 -22.59 35.64 -8.11
N GLY B 208 -22.62 35.37 -6.81
CA GLY B 208 -23.50 36.12 -5.94
C GLY B 208 -22.94 36.22 -4.55
N LYS B 209 -23.50 37.12 -3.75
CA LYS B 209 -23.05 37.30 -2.37
C LYS B 209 -24.27 37.17 -1.47
N ILE B 210 -24.11 36.47 -0.34
CA ILE B 210 -25.20 36.38 0.62
C ILE B 210 -24.64 36.66 2.01
N LYS B 211 -25.53 36.72 2.99
CA LYS B 211 -25.16 36.94 4.40
C LYS B 211 -25.59 35.70 5.18
N ILE B 212 -24.78 35.26 6.14
CA ILE B 212 -25.13 34.07 6.93
C ILE B 212 -25.11 34.42 8.43
N ARG B 213 -26.28 34.40 9.06
CA ARG B 213 -26.42 34.70 10.49
C ARG B 213 -26.45 33.45 11.39
N ALA B 214 -26.06 33.66 12.64
CA ALA B 214 -26.12 32.62 13.65
C ALA B 214 -27.58 32.70 14.10
N ARG B 215 -28.07 31.65 14.73
CA ARG B 215 -29.44 31.68 15.21
C ARG B 215 -29.33 31.78 16.72
N ALA B 216 -29.84 32.88 17.27
CA ALA B 216 -29.79 33.08 18.72
C ALA B 216 -31.16 33.46 19.23
N SER B 217 -31.40 33.18 20.49
CA SER B 217 -32.68 33.51 21.10
C SER B 217 -32.35 34.42 22.27
N ILE B 218 -33.29 35.29 22.61
CA ILE B 218 -33.10 36.17 23.75
C ILE B 218 -34.11 35.81 24.85
N ASP B 219 -33.59 35.44 26.02
CA ASP B 219 -34.42 35.04 27.15
C ASP B 219 -34.72 36.21 28.09
N VAL B 220 -36.00 36.47 28.31
CA VAL B 220 -36.39 37.54 29.22
C VAL B 220 -36.70 36.93 30.59
N GLY B 225 -35.10 39.58 37.30
CA GLY B 225 -34.89 39.01 35.99
C GLY B 225 -34.38 40.01 34.95
N LYS B 226 -33.32 39.61 34.25
CA LYS B 226 -32.71 40.40 33.17
C LYS B 226 -32.82 39.58 31.87
N GLU B 227 -31.83 39.70 31.00
CA GLU B 227 -31.85 38.98 29.72
C GLU B 227 -30.52 38.27 29.39
N THR B 228 -30.61 37.17 28.64
CA THR B 228 -29.42 36.47 28.18
C THR B 228 -29.58 36.01 26.75
N ILE B 229 -28.53 36.17 25.97
CA ILE B 229 -28.51 35.75 24.58
C ILE B 229 -28.09 34.27 24.52
N ILE B 230 -28.88 33.42 23.88
CA ILE B 230 -28.47 32.02 23.73
C ILE B 230 -28.23 31.72 22.24
N VAL B 231 -27.00 31.39 21.88
CA VAL B 231 -26.68 31.06 20.49
C VAL B 231 -26.77 29.54 20.28
N HIS B 232 -27.62 29.11 19.37
CA HIS B 232 -27.76 27.68 19.14
C HIS B 232 -26.96 27.14 17.96
N GLU B 233 -26.70 27.98 16.98
CA GLU B 233 -26.00 27.57 15.77
C GLU B 233 -25.24 28.73 15.14
N LEU B 234 -24.07 28.41 14.59
CA LEU B 234 -23.16 29.39 14.00
C LEU B 234 -23.09 29.35 12.48
N PRO B 235 -22.60 30.43 11.87
CA PRO B 235 -22.53 30.35 10.41
C PRO B 235 -21.50 29.31 10.06
N TYR B 236 -21.58 28.83 8.83
CA TYR B 236 -20.69 27.82 8.31
C TYR B 236 -19.22 28.27 8.33
N GLN B 237 -18.34 27.34 8.68
CA GLN B 237 -16.90 27.55 8.71
C GLN B 237 -16.32 28.45 9.79
N VAL B 238 -17.16 28.95 10.71
CA VAL B 238 -16.63 29.77 11.78
C VAL B 238 -16.28 28.90 13.00
N ASN B 239 -15.12 29.20 13.55
CA ASN B 239 -14.54 28.52 14.70
C ASN B 239 -15.14 29.07 16.00
N LYS B 240 -15.85 28.22 16.77
CA LYS B 240 -16.50 28.62 18.03
C LYS B 240 -15.52 29.15 19.08
N ALA B 241 -14.40 28.45 19.25
CA ALA B 241 -13.40 28.90 20.21
C ALA B 241 -12.82 30.27 19.82
N ARG B 242 -12.43 30.43 18.55
CA ARG B 242 -11.90 31.72 18.09
C ARG B 242 -12.98 32.78 18.36
N LEU B 243 -14.24 32.44 18.08
CA LEU B 243 -15.31 33.40 18.29
C LEU B 243 -15.51 33.87 19.75
N ILE B 244 -15.65 32.96 20.72
CA ILE B 244 -15.81 33.41 22.10
C ILE B 244 -14.65 34.28 22.54
N GLU B 245 -13.43 33.94 22.16
CA GLU B 245 -12.29 34.73 22.60
C GLU B 245 -12.30 36.11 21.95
N LYS B 246 -12.87 36.17 20.76
CA LYS B 246 -13.00 37.42 20.03
C LYS B 246 -13.99 38.31 20.81
N MET B 247 -15.06 37.68 21.32
CA MET B 247 -16.09 38.40 22.07
C MET B 247 -15.50 38.88 23.37
N ALA B 248 -14.65 38.05 23.96
CA ALA B 248 -14.02 38.41 25.22
C ALA B 248 -13.13 39.65 25.05
N GLU B 249 -12.36 39.68 23.96
CA GLU B 249 -11.49 40.81 23.68
C GLU B 249 -12.33 42.07 23.58
N LEU B 250 -13.42 42.00 22.80
CA LEU B 250 -14.28 43.17 22.65
C LEU B 250 -14.85 43.73 23.96
N VAL B 251 -15.34 42.86 24.84
CA VAL B 251 -15.89 43.36 26.08
C VAL B 251 -14.81 43.85 27.05
N LYS B 252 -13.63 43.24 27.01
CA LYS B 252 -12.52 43.64 27.89
C LYS B 252 -11.91 45.00 27.53
N ASP B 253 -11.88 45.36 26.25
CA ASP B 253 -11.36 46.66 25.78
C ASP B 253 -12.50 47.67 25.79
N LYS B 254 -13.66 47.22 26.25
CA LYS B 254 -14.85 48.05 26.28
C LYS B 254 -15.23 48.57 24.86
N ARG B 255 -14.97 47.74 23.83
CA ARG B 255 -15.36 48.12 22.46
C ARG B 255 -16.75 47.50 22.18
N LEU B 256 -17.24 46.72 23.14
CA LEU B 256 -18.57 46.12 23.07
C LEU B 256 -19.29 46.23 24.44
N GLU B 257 -20.43 46.90 24.35
CA GLU B 257 -21.46 47.23 25.36
C GLU B 257 -21.81 46.29 26.55
N GLY B 258 -23.06 46.40 27.03
CA GLY B 258 -23.53 45.67 28.20
C GLY B 258 -23.61 44.16 28.34
N ILE B 259 -22.43 43.54 28.49
CA ILE B 259 -22.32 42.09 28.61
C ILE B 259 -21.68 41.74 29.96
N SER B 260 -22.46 41.17 30.87
CA SER B 260 -21.91 40.84 32.17
C SER B 260 -21.04 39.60 32.18
N ALA B 261 -21.27 38.69 31.24
CA ALA B 261 -20.48 37.48 31.17
C ALA B 261 -20.73 36.67 29.91
N LEU B 262 -19.89 35.68 29.67
CA LEU B 262 -20.01 34.81 28.51
C LEU B 262 -19.33 33.49 28.81
N ARG B 263 -20.07 32.41 28.57
CA ARG B 263 -19.61 31.04 28.79
C ARG B 263 -19.96 30.20 27.54
N ASP B 264 -19.16 29.19 27.24
CA ASP B 264 -19.52 28.32 26.14
C ASP B 264 -19.92 27.04 26.84
N GLU B 265 -21.21 26.71 26.82
CA GLU B 265 -21.63 25.49 27.48
C GLU B 265 -22.03 24.42 26.48
N SER B 266 -21.41 24.47 25.31
CA SER B 266 -21.70 23.52 24.24
C SER B 266 -21.17 22.13 24.57
N ASP B 267 -21.94 21.12 24.23
CA ASP B 267 -21.52 19.76 24.52
C ASP B 267 -21.60 18.82 23.34
N LYS B 268 -21.54 17.55 23.68
CA LYS B 268 -21.58 16.46 22.72
C LYS B 268 -22.86 16.57 21.90
N ASP B 269 -23.98 16.84 22.59
CA ASP B 269 -25.31 16.92 21.97
C ASP B 269 -25.79 18.26 21.43
N GLY B 270 -24.94 19.28 21.38
CA GLY B 270 -25.40 20.56 20.88
C GLY B 270 -24.68 21.81 21.39
N MET B 271 -24.89 22.91 20.68
CA MET B 271 -24.25 24.18 20.98
C MET B 271 -25.09 25.08 21.89
N ARG B 272 -24.43 25.71 22.86
CA ARG B 272 -25.07 26.66 23.78
C ARG B 272 -24.06 27.75 24.19
N MET B 273 -23.92 28.80 23.39
CA MET B 273 -23.02 29.88 23.77
C MET B 273 -23.94 30.80 24.53
N VAL B 274 -23.52 31.21 25.71
CA VAL B 274 -24.35 32.08 26.53
C VAL B 274 -23.74 33.45 26.79
N ILE B 275 -24.49 34.51 26.49
CA ILE B 275 -24.00 35.85 26.76
C ILE B 275 -25.06 36.65 27.55
N GLU B 276 -24.75 36.86 28.82
CA GLU B 276 -25.62 37.55 29.79
C GLU B 276 -25.59 39.07 29.59
N ILE B 277 -26.73 39.73 29.79
CA ILE B 277 -26.84 41.18 29.62
C ILE B 277 -26.86 41.99 30.93
N LYS B 278 -25.92 42.93 31.04
CA LYS B 278 -25.65 43.72 32.25
C LYS B 278 -26.75 44.10 33.26
N ARG B 279 -27.88 44.59 32.83
CA ARG B 279 -29.03 45.03 33.62
C ARG B 279 -29.92 45.98 32.82
N GLY B 280 -30.87 45.41 32.09
CA GLY B 280 -31.60 46.20 31.11
C GLY B 280 -30.57 46.30 29.99
N GLU B 281 -30.32 47.49 29.48
CA GLU B 281 -29.40 47.69 28.36
C GLU B 281 -29.70 46.89 27.10
N VAL B 282 -30.83 46.20 27.14
CA VAL B 282 -31.48 45.47 26.03
C VAL B 282 -30.69 44.64 25.01
N GLY B 283 -30.95 43.33 25.08
CA GLY B 283 -30.31 42.33 24.25
C GLY B 283 -30.51 42.38 22.75
N GLU B 284 -31.58 43.01 22.27
CA GLU B 284 -31.77 43.07 20.83
C GLU B 284 -30.70 43.96 20.21
N VAL B 285 -30.21 44.95 20.97
CA VAL B 285 -29.17 45.85 20.49
C VAL B 285 -27.75 45.25 20.65
N VAL B 286 -27.57 44.40 21.65
CA VAL B 286 -26.27 43.78 21.83
C VAL B 286 -26.07 42.72 20.73
N LEU B 287 -27.16 42.02 20.44
CA LEU B 287 -27.14 40.97 19.43
C LEU B 287 -26.73 41.62 18.12
N ASN B 288 -27.28 42.81 17.84
CA ASN B 288 -26.97 43.53 16.61
C ASN B 288 -25.54 43.99 16.45
N ASN B 289 -24.97 44.56 17.50
CA ASN B 289 -23.58 44.98 17.41
C ASN B 289 -22.70 43.73 17.41
N LEU B 290 -23.31 42.61 17.78
CA LEU B 290 -22.64 41.33 17.84
C LEU B 290 -22.60 40.75 16.42
N TYR B 291 -23.70 40.90 15.67
CA TYR B 291 -23.73 40.39 14.31
C TYR B 291 -22.77 41.23 13.48
N LYS B 292 -22.65 42.50 13.83
CA LYS B 292 -21.80 43.42 13.09
C LYS B 292 -20.31 43.43 13.41
N LEU B 293 -19.89 42.93 14.57
CA LEU B 293 -18.47 42.98 14.91
C LEU B 293 -17.79 41.62 14.98
N THR B 294 -18.54 40.53 14.88
CA THR B 294 -17.94 39.20 14.94
C THR B 294 -18.46 38.27 13.85
N GLN B 295 -17.87 37.08 13.84
CA GLN B 295 -18.27 36.06 12.89
C GLN B 295 -19.65 35.45 13.18
N MET B 296 -20.43 36.16 13.99
CA MET B 296 -21.82 35.81 14.30
C MET B 296 -22.53 35.97 12.96
N GLN B 297 -21.96 36.87 12.15
CA GLN B 297 -22.46 37.12 10.80
C GLN B 297 -21.23 37.22 9.92
N VAL B 298 -21.34 36.62 8.75
CA VAL B 298 -20.25 36.59 7.80
C VAL B 298 -20.90 36.69 6.43
N SER B 299 -20.14 37.03 5.40
CA SER B 299 -20.79 37.05 4.11
C SER B 299 -20.22 35.89 3.28
N PHE B 300 -20.96 35.45 2.27
CA PHE B 300 -20.48 34.34 1.48
C PHE B 300 -20.54 34.63 -0.02
N GLY B 301 -19.37 34.58 -0.66
CA GLY B 301 -19.29 34.82 -2.08
C GLY B 301 -19.44 33.56 -2.94
N LEU B 302 -20.60 33.41 -3.56
CA LEU B 302 -20.87 32.28 -4.47
C LEU B 302 -20.11 32.51 -5.77
N ASN B 303 -19.23 31.58 -6.10
CA ASN B 303 -18.46 31.65 -7.32
C ASN B 303 -18.42 30.21 -7.79
N MET B 304 -19.38 29.84 -8.65
CA MET B 304 -19.51 28.46 -9.10
C MET B 304 -18.73 28.06 -10.37
N VAL B 305 -17.47 27.67 -10.15
CA VAL B 305 -16.58 27.28 -11.23
C VAL B 305 -16.23 25.81 -11.12
N ALA B 306 -16.04 25.18 -12.27
CA ALA B 306 -15.66 23.78 -12.29
C ALA B 306 -15.14 23.40 -13.65
N LEU B 307 -14.58 22.20 -13.73
CA LEU B 307 -14.04 21.70 -14.97
C LEU B 307 -15.08 20.88 -15.69
N THR B 308 -15.05 20.95 -17.01
CA THR B 308 -15.95 20.21 -17.91
C THR B 308 -15.09 20.05 -19.17
N ASN B 309 -14.54 18.85 -19.35
CA ASN B 309 -13.61 18.56 -20.46
C ASN B 309 -12.27 19.24 -20.17
N GLY B 310 -11.94 19.41 -18.89
CA GLY B 310 -10.76 20.18 -18.52
C GLY B 310 -11.33 21.59 -18.67
N GLN B 311 -10.54 22.64 -18.58
CA GLN B 311 -11.12 23.96 -18.70
C GLN B 311 -12.15 24.45 -17.71
N PRO B 312 -11.75 25.37 -16.84
CA PRO B 312 -12.68 25.93 -15.87
C PRO B 312 -13.88 26.53 -16.61
N LYS B 313 -14.93 26.81 -15.87
CA LYS B 313 -16.12 27.41 -16.43
C LYS B 313 -16.99 27.82 -15.30
N ILE B 314 -17.75 28.85 -15.58
CA ILE B 314 -18.67 29.44 -14.65
C ILE B 314 -19.96 28.77 -15.06
N PHE B 315 -20.66 28.17 -14.10
CA PHE B 315 -21.91 27.48 -14.40
C PHE B 315 -23.08 28.15 -13.73
N ASN B 316 -24.31 28.19 -14.25
CA ASN B 316 -25.51 28.68 -13.61
C ASN B 316 -26.09 27.38 -13.04
N ILE B 317 -27.00 27.43 -12.07
CA ILE B 317 -27.48 26.16 -11.50
C ILE B 317 -28.11 25.23 -12.54
N LYS B 318 -28.80 25.80 -13.53
CA LYS B 318 -29.42 24.92 -14.52
C LYS B 318 -28.34 24.11 -15.23
N GLU B 319 -27.22 24.80 -15.58
CA GLU B 319 -26.14 24.08 -16.25
C GLU B 319 -25.55 23.00 -15.36
N MET B 320 -25.64 23.19 -14.05
CA MET B 320 -25.07 22.21 -13.13
C MET B 320 -25.94 20.98 -13.06
N LEU B 321 -27.27 21.16 -13.08
CA LEU B 321 -28.19 20.03 -13.07
C LEU B 321 -28.11 19.30 -14.43
N GLU B 322 -27.95 20.07 -15.51
CA GLU B 322 -27.86 19.47 -16.83
C GLU B 322 -26.63 18.60 -16.91
N ALA B 323 -25.52 19.06 -16.35
CA ALA B 323 -24.26 18.32 -16.40
C ALA B 323 -24.40 17.00 -15.65
N PHE B 324 -25.04 17.04 -14.49
CA PHE B 324 -25.23 15.83 -13.68
C PHE B 324 -26.19 14.81 -14.33
N VAL B 325 -27.30 15.28 -14.89
CA VAL B 325 -28.25 14.36 -15.52
C VAL B 325 -27.63 13.76 -16.77
N LEU B 326 -26.98 14.60 -17.58
CA LEU B 326 -26.32 14.13 -18.78
C LEU B 326 -25.30 13.05 -18.42
N HIS B 327 -24.56 13.29 -17.34
CA HIS B 327 -23.58 12.31 -16.90
C HIS B 327 -24.29 11.00 -16.53
N ARG B 328 -25.50 11.10 -15.98
CA ARG B 328 -26.29 9.90 -15.64
C ARG B 328 -26.79 9.24 -16.93
N ARG B 329 -27.04 10.01 -17.98
CA ARG B 329 -27.45 9.40 -19.24
C ARG B 329 -26.29 8.51 -19.75
N GLU B 330 -25.07 9.04 -19.73
CA GLU B 330 -23.89 8.29 -20.17
C GLU B 330 -23.58 7.03 -19.33
N VAL B 331 -23.54 7.20 -18.02
CA VAL B 331 -23.22 6.09 -17.12
C VAL B 331 -24.16 4.92 -17.25
N VAL B 332 -25.47 5.19 -17.25
CA VAL B 332 -26.50 4.14 -17.34
C VAL B 332 -26.51 3.43 -18.70
N THR B 333 -26.30 4.19 -19.77
CA THR B 333 -26.27 3.59 -21.08
C THR B 333 -25.12 2.59 -21.13
N ARG B 334 -23.96 3.00 -20.62
CA ARG B 334 -22.77 2.16 -20.65
C ARG B 334 -22.91 1.00 -19.72
N ARG B 335 -23.50 1.25 -18.55
CA ARG B 335 -23.72 0.15 -17.63
C ARG B 335 -24.60 -0.92 -18.26
N THR B 336 -25.61 -0.49 -19.00
CA THR B 336 -26.52 -1.46 -19.59
C THR B 336 -25.82 -2.25 -20.70
N ILE B 337 -25.01 -1.56 -21.49
CA ILE B 337 -24.24 -2.21 -22.56
C ILE B 337 -23.34 -3.31 -21.98
N PHE B 338 -22.72 -2.99 -20.86
CA PHE B 338 -21.83 -3.91 -20.18
C PHE B 338 -22.60 -5.14 -19.68
N GLU B 339 -23.71 -4.93 -18.95
CA GLU B 339 -24.50 -6.04 -18.42
C GLU B 339 -24.95 -6.98 -19.53
N LEU B 340 -25.53 -6.41 -20.59
CA LEU B 340 -25.98 -7.19 -21.74
C LEU B 340 -24.87 -8.09 -22.29
N ARG B 341 -23.71 -7.49 -22.55
CA ARG B 341 -22.58 -8.24 -23.06
C ARG B 341 -22.13 -9.31 -22.07
N LYS B 342 -22.15 -8.96 -20.80
CA LYS B 342 -21.73 -9.86 -19.73
C LYS B 342 -22.73 -11.01 -19.55
N ALA B 343 -24.03 -10.73 -19.72
CA ALA B 343 -25.06 -11.75 -19.55
C ALA B 343 -25.12 -12.69 -20.74
N ARG B 344 -24.71 -12.23 -21.93
CA ARG B 344 -24.72 -13.10 -23.11
C ARG B 344 -23.64 -14.15 -22.92
N ASP B 345 -22.44 -13.71 -22.54
CA ASP B 345 -21.34 -14.62 -22.32
C ASP B 345 -21.61 -15.64 -21.22
N ARG B 346 -22.15 -15.18 -20.09
CA ARG B 346 -22.40 -16.08 -18.96
C ARG B 346 -23.46 -17.11 -19.38
N ALA B 347 -24.52 -16.63 -20.05
CA ALA B 347 -25.57 -17.52 -20.53
C ALA B 347 -25.04 -18.46 -21.58
N HIS B 348 -24.05 -18.04 -22.36
CA HIS B 348 -23.57 -18.97 -23.35
C HIS B 348 -22.78 -20.12 -22.70
N ILE B 349 -22.22 -19.89 -21.52
CA ILE B 349 -21.44 -20.96 -20.88
C ILE B 349 -22.38 -21.95 -20.21
N LEU B 350 -23.40 -21.42 -19.53
CA LEU B 350 -24.37 -22.27 -18.84
C LEU B 350 -25.22 -23.16 -19.75
N GLU B 351 -25.41 -22.74 -21.01
CA GLU B 351 -26.18 -23.53 -21.97
C GLU B 351 -25.30 -24.73 -22.36
N GLY B 352 -24.01 -24.49 -22.45
CA GLY B 352 -23.08 -25.58 -22.75
C GLY B 352 -23.07 -26.55 -21.59
N LEU B 353 -22.76 -26.02 -20.40
CA LEU B 353 -22.71 -26.82 -19.19
C LEU B 353 -23.93 -27.71 -19.11
N SER B 354 -25.06 -27.22 -19.62
CA SER B 354 -26.30 -27.98 -19.58
C SER B 354 -26.36 -29.10 -20.63
N ILE B 355 -25.71 -28.91 -21.80
CA ILE B 355 -25.68 -29.97 -22.84
C ILE B 355 -24.57 -30.99 -22.60
N ALA B 356 -23.67 -30.67 -21.66
CA ALA B 356 -22.56 -31.56 -21.31
C ALA B 356 -23.15 -32.48 -20.26
N LEU B 357 -24.01 -31.90 -19.42
CA LEU B 357 -24.77 -32.65 -18.43
C LEU B 357 -25.90 -33.25 -19.29
N ALA B 358 -26.52 -34.33 -18.80
CA ALA B 358 -27.60 -34.95 -19.57
C ALA B 358 -27.06 -35.46 -20.93
N ASN B 359 -25.75 -35.68 -20.95
CA ASN B 359 -24.95 -36.22 -22.07
C ASN B 359 -23.53 -36.33 -21.49
N ILE B 360 -23.48 -36.61 -20.18
CA ILE B 360 -22.23 -36.69 -19.42
C ILE B 360 -21.34 -37.92 -19.52
N ASP B 361 -21.91 -39.08 -19.16
CA ASP B 361 -21.16 -40.34 -19.18
C ASP B 361 -20.33 -40.46 -20.46
N PRO B 362 -20.91 -40.07 -21.61
CA PRO B 362 -20.11 -40.16 -22.84
C PRO B 362 -18.98 -39.10 -22.80
N ILE B 363 -19.31 -37.92 -22.30
CA ILE B 363 -18.33 -36.84 -22.18
C ILE B 363 -17.13 -37.33 -21.36
N ILE B 364 -17.40 -38.00 -20.25
CA ILE B 364 -16.34 -38.53 -19.41
C ILE B 364 -15.28 -39.19 -20.30
N GLU B 365 -15.73 -40.16 -21.11
CA GLU B 365 -14.91 -40.97 -22.00
C GLU B 365 -13.84 -40.26 -22.88
N MET B 366 -14.13 -39.04 -23.35
CA MET B 366 -13.21 -38.25 -24.20
C MET B 366 -11.94 -37.81 -23.50
N ILE B 367 -12.15 -37.21 -22.33
CA ILE B 367 -11.03 -36.77 -21.51
C ILE B 367 -10.30 -38.05 -21.13
N LYS B 368 -11.06 -39.09 -20.81
CA LYS B 368 -10.47 -40.39 -20.49
C LYS B 368 -9.45 -40.70 -21.58
N ASN B 369 -9.96 -40.99 -22.77
CA ASN B 369 -9.15 -41.34 -23.92
C ASN B 369 -8.25 -40.25 -24.54
N SER B 370 -7.61 -39.41 -23.72
CA SER B 370 -6.72 -38.37 -24.25
C SER B 370 -5.47 -38.12 -23.40
N ASN B 371 -4.29 -38.05 -24.01
CA ASN B 371 -3.06 -37.82 -23.24
C ASN B 371 -2.81 -36.36 -22.84
N ASN B 372 -3.82 -35.50 -22.96
CA ASN B 372 -3.64 -34.06 -22.65
C ASN B 372 -4.95 -33.31 -22.33
N ARG B 373 -4.85 -32.03 -21.99
CA ARG B 373 -6.07 -31.22 -21.77
C ARG B 373 -6.39 -30.52 -23.07
N LYS B 374 -5.36 -30.03 -23.74
CA LYS B 374 -5.59 -29.36 -25.02
C LYS B 374 -6.22 -30.34 -26.01
N GLU B 375 -5.96 -31.63 -25.85
CA GLU B 375 -6.52 -32.64 -26.76
C GLU B 375 -7.89 -33.14 -26.32
N SER B 376 -8.25 -32.85 -25.07
CA SER B 376 -9.54 -33.24 -24.56
C SER B 376 -10.50 -32.23 -25.14
N GLU B 377 -10.03 -30.98 -25.14
CA GLU B 377 -10.79 -29.85 -25.65
C GLU B 377 -11.06 -30.08 -27.12
N GLU B 378 -9.99 -30.33 -27.88
CA GLU B 378 -10.09 -30.58 -29.31
C GLU B 378 -11.09 -31.65 -29.69
N LYS B 379 -11.34 -32.63 -28.82
CA LYS B 379 -12.33 -33.65 -29.14
C LYS B 379 -13.66 -33.34 -28.48
N LEU B 380 -13.97 -32.06 -28.48
CA LEU B 380 -15.21 -31.53 -27.93
C LEU B 380 -15.67 -30.62 -29.05
N ILE B 381 -14.69 -30.03 -29.71
CA ILE B 381 -14.96 -29.16 -30.84
C ILE B 381 -14.63 -29.91 -32.14
N SER B 382 -14.83 -31.23 -32.09
CA SER B 382 -14.68 -32.09 -33.26
C SER B 382 -15.75 -33.21 -33.16
N GLN B 383 -16.82 -32.86 -32.42
CA GLN B 383 -18.01 -33.69 -32.21
C GLN B 383 -19.19 -32.73 -32.26
N GLY B 384 -20.37 -33.29 -32.54
CA GLY B 384 -21.60 -32.55 -32.51
C GLY B 384 -22.40 -33.39 -31.55
N TRP B 385 -22.71 -32.88 -30.37
CA TRP B 385 -23.46 -33.69 -29.41
C TRP B 385 -24.92 -33.85 -29.71
N GLU B 386 -25.65 -34.43 -28.77
CA GLU B 386 -27.11 -34.56 -28.89
C GLU B 386 -27.60 -33.50 -27.93
N LEU B 387 -28.89 -33.20 -27.95
CA LEU B 387 -29.45 -32.22 -27.04
C LEU B 387 -30.19 -32.98 -25.94
N GLY B 388 -31.11 -32.32 -25.24
CA GLY B 388 -31.86 -32.98 -24.19
C GLY B 388 -32.91 -32.10 -23.53
N ASP B 400 -30.87 -16.94 -29.34
CA ASP B 400 -31.10 -16.14 -30.57
C ASP B 400 -30.50 -14.74 -30.38
N ALA B 401 -31.23 -13.85 -29.71
CA ALA B 401 -30.66 -12.53 -29.42
C ALA B 401 -30.03 -12.59 -28.01
N ALA B 402 -29.85 -13.82 -27.53
CA ALA B 402 -29.22 -14.06 -26.25
C ALA B 402 -27.84 -14.63 -26.47
N ARG B 403 -27.35 -14.59 -27.71
CA ARG B 403 -26.02 -15.11 -27.96
C ARG B 403 -24.94 -14.04 -28.13
N PRO B 404 -23.74 -14.32 -27.60
CA PRO B 404 -22.66 -13.33 -27.73
C PRO B 404 -22.38 -12.99 -29.17
N GLU B 405 -22.02 -11.73 -29.40
CA GLU B 405 -21.75 -11.30 -30.76
C GLU B 405 -20.52 -11.85 -31.45
N TRP B 406 -19.63 -12.53 -30.73
CA TRP B 406 -18.49 -13.12 -31.43
C TRP B 406 -18.78 -14.57 -31.84
N LEU B 407 -20.00 -15.05 -31.55
CA LEU B 407 -20.39 -16.42 -31.86
C LEU B 407 -21.01 -16.63 -33.25
N GLU B 408 -20.39 -17.49 -34.07
CA GLU B 408 -20.93 -17.80 -35.40
C GLU B 408 -22.29 -18.48 -35.28
N PRO B 409 -23.09 -18.45 -36.35
CA PRO B 409 -24.41 -19.11 -36.30
C PRO B 409 -24.24 -20.63 -36.34
N THR B 421 -19.25 -25.22 -28.70
CA THR B 421 -18.31 -24.09 -28.77
C THR B 421 -17.06 -24.32 -27.94
N ALA B 422 -15.92 -23.90 -28.49
CA ALA B 422 -14.64 -24.06 -27.81
C ALA B 422 -14.69 -23.50 -26.39
N GLU B 423 -15.13 -22.26 -26.25
CA GLU B 423 -15.20 -21.60 -24.94
C GLU B 423 -16.07 -22.43 -23.98
N GLN B 424 -17.23 -22.89 -24.47
CA GLN B 424 -18.15 -23.68 -23.67
C GLN B 424 -17.50 -24.98 -23.19
N ALA B 425 -16.61 -25.49 -24.02
CA ALA B 425 -15.92 -26.74 -23.72
C ALA B 425 -14.75 -26.54 -22.79
N LYS B 426 -14.30 -25.30 -22.63
CA LYS B 426 -13.23 -25.03 -21.67
C LYS B 426 -13.95 -25.07 -20.32
N ALA B 427 -15.22 -24.69 -20.36
CA ALA B 427 -16.08 -24.66 -19.17
C ALA B 427 -16.51 -26.07 -18.77
N ILE B 428 -16.26 -27.03 -19.64
CA ILE B 428 -16.64 -28.41 -19.37
C ILE B 428 -15.42 -29.14 -18.80
N VAL B 429 -14.36 -29.14 -19.58
CA VAL B 429 -13.10 -29.76 -19.22
C VAL B 429 -12.66 -29.35 -17.81
N ASP B 430 -12.97 -28.11 -17.44
CA ASP B 430 -12.58 -27.54 -16.14
C ASP B 430 -13.69 -27.48 -15.12
N LEU B 431 -14.78 -28.15 -15.40
CA LEU B 431 -15.90 -28.19 -14.48
C LEU B 431 -15.56 -29.21 -13.35
N GLN B 432 -15.89 -28.89 -12.10
CA GLN B 432 -15.55 -29.78 -10.97
C GLN B 432 -16.49 -30.97 -10.79
N LEU B 433 -15.92 -32.14 -10.46
CA LEU B 433 -16.70 -33.36 -10.28
C LEU B 433 -18.00 -33.20 -9.50
N TYR B 434 -18.00 -32.45 -8.39
CA TYR B 434 -19.21 -32.32 -7.58
C TYR B 434 -20.31 -31.54 -8.26
N LYS B 435 -20.07 -31.11 -9.48
CA LYS B 435 -21.10 -30.35 -10.16
C LYS B 435 -22.04 -31.26 -10.97
N LEU B 436 -21.81 -32.57 -10.90
CA LEU B 436 -22.69 -33.52 -11.56
C LEU B 436 -23.78 -33.87 -10.56
N SER B 437 -23.87 -33.11 -9.48
CA SER B 437 -24.83 -33.38 -8.42
C SER B 437 -26.22 -32.83 -8.68
N GLY B 438 -27.21 -33.54 -8.13
CA GLY B 438 -28.60 -33.17 -8.25
C GLY B 438 -28.99 -31.70 -8.23
N MET B 439 -28.61 -30.96 -7.19
CA MET B 439 -29.01 -29.56 -7.16
C MET B 439 -27.96 -28.57 -7.70
N GLU B 440 -26.77 -29.08 -8.01
CA GLU B 440 -25.74 -28.25 -8.65
C GLU B 440 -26.17 -28.26 -10.10
N HIS B 441 -26.88 -29.35 -10.44
CA HIS B 441 -27.41 -29.56 -11.76
C HIS B 441 -28.58 -28.64 -11.98
N ASP B 442 -29.34 -28.40 -10.93
CA ASP B 442 -30.49 -27.52 -11.07
C ASP B 442 -30.09 -26.05 -11.06
N LYS B 443 -28.98 -25.71 -10.40
CA LYS B 443 -28.60 -24.30 -10.38
C LYS B 443 -27.94 -23.80 -11.68
N ILE B 444 -27.26 -24.63 -12.46
CA ILE B 444 -26.73 -24.07 -13.70
C ILE B 444 -27.93 -23.87 -14.64
N LEU B 445 -28.94 -24.74 -14.54
CA LEU B 445 -30.17 -24.61 -15.34
C LEU B 445 -31.02 -23.41 -14.94
N SER B 446 -31.15 -23.18 -13.64
CA SER B 446 -31.93 -22.04 -13.15
C SER B 446 -31.29 -20.73 -13.61
N GLU B 447 -29.99 -20.61 -13.38
CA GLU B 447 -29.24 -19.41 -13.78
C GLU B 447 -29.40 -19.14 -15.27
N TYR B 448 -29.30 -20.19 -16.07
CA TYR B 448 -29.43 -20.06 -17.52
C TYR B 448 -30.72 -19.33 -17.79
N LYS B 449 -31.81 -20.00 -17.46
CA LYS B 449 -33.12 -19.46 -17.68
C LYS B 449 -33.23 -18.00 -17.19
N ALA B 450 -32.96 -17.73 -15.91
CA ALA B 450 -33.04 -16.37 -15.37
C ALA B 450 -32.20 -15.32 -16.13
N LEU B 451 -31.14 -15.78 -16.79
CA LEU B 451 -30.27 -14.89 -17.53
C LEU B 451 -30.92 -14.50 -18.86
N LEU B 452 -31.83 -15.35 -19.34
CA LEU B 452 -32.54 -15.09 -20.60
C LEU B 452 -33.53 -13.93 -20.48
N ASP B 453 -34.15 -13.81 -19.31
CA ASP B 453 -35.12 -12.74 -19.06
C ASP B 453 -34.41 -11.43 -18.82
N LEU B 454 -33.22 -11.51 -18.26
CA LEU B 454 -32.44 -10.32 -17.97
C LEU B 454 -31.88 -9.74 -19.28
N ILE B 455 -31.38 -10.57 -20.20
CA ILE B 455 -30.89 -9.95 -21.43
C ILE B 455 -32.07 -9.35 -22.21
N ALA B 456 -33.26 -9.95 -22.08
CA ALA B 456 -34.43 -9.38 -22.73
C ALA B 456 -34.71 -7.98 -22.15
N GLU B 457 -34.80 -7.89 -20.82
CA GLU B 457 -35.04 -6.62 -20.15
C GLU B 457 -33.94 -5.64 -20.57
N LEU B 458 -32.69 -6.10 -20.49
CA LEU B 458 -31.58 -5.24 -20.86
C LEU B 458 -31.72 -4.65 -22.26
N MET B 459 -32.34 -5.38 -23.19
CA MET B 459 -32.51 -4.83 -24.54
C MET B 459 -33.58 -3.74 -24.58
N HIS B 460 -34.71 -3.98 -23.89
CA HIS B 460 -35.79 -3.00 -23.84
C HIS B 460 -35.31 -1.63 -23.38
N ILE B 461 -34.38 -1.62 -22.43
CA ILE B 461 -33.85 -0.37 -21.91
C ILE B 461 -32.85 0.33 -22.86
N LEU B 462 -32.00 -0.44 -23.52
CA LEU B 462 -31.04 0.17 -24.43
C LEU B 462 -31.71 0.79 -25.67
N ALA B 463 -32.72 0.13 -26.22
CA ALA B 463 -33.39 0.63 -27.43
C ALA B 463 -34.37 1.79 -27.21
N THR B 464 -34.92 1.92 -26.01
CA THR B 464 -35.90 2.98 -25.76
C THR B 464 -35.44 4.11 -24.82
N PRO B 465 -35.01 5.24 -25.40
CA PRO B 465 -34.54 6.43 -24.66
C PRO B 465 -35.38 6.69 -23.40
N ALA B 466 -36.69 6.68 -23.58
CA ALA B 466 -37.61 6.92 -22.49
C ALA B 466 -37.46 5.88 -21.38
N ARG B 467 -37.23 4.62 -21.76
CA ARG B 467 -37.09 3.52 -20.77
C ARG B 467 -35.82 3.71 -19.94
N LEU B 468 -34.83 4.34 -20.56
CA LEU B 468 -33.55 4.63 -19.93
C LEU B 468 -33.71 5.78 -18.93
N MET B 469 -34.51 6.76 -19.29
CA MET B 469 -34.76 7.87 -18.38
C MET B 469 -35.58 7.38 -17.19
N GLU B 470 -36.40 6.34 -17.38
CA GLU B 470 -37.18 5.83 -16.26
C GLU B 470 -36.18 5.28 -15.24
N VAL B 471 -35.22 4.47 -15.71
CA VAL B 471 -34.23 3.93 -14.78
C VAL B 471 -33.51 5.04 -13.99
N ILE B 472 -33.20 6.16 -14.63
CA ILE B 472 -32.55 7.27 -13.95
C ILE B 472 -33.48 7.86 -12.87
N CYS B 473 -34.77 8.01 -13.18
CA CYS B 473 -35.71 8.56 -12.22
C CYS B 473 -35.87 7.62 -11.04
N GLU B 474 -35.86 6.32 -11.32
CA GLU B 474 -35.98 5.31 -10.28
C GLU B 474 -34.80 5.43 -9.35
N GLU B 475 -33.64 5.73 -9.91
CA GLU B 475 -32.45 5.89 -9.09
C GLU B 475 -32.46 7.14 -8.23
N LEU B 476 -32.82 8.28 -8.81
CA LEU B 476 -32.91 9.53 -8.06
C LEU B 476 -33.90 9.37 -6.90
N VAL B 477 -35.06 8.78 -7.18
CA VAL B 477 -36.04 8.57 -6.13
C VAL B 477 -35.43 7.68 -5.05
N ALA B 478 -34.66 6.67 -5.45
CA ALA B 478 -34.02 5.80 -4.46
C ALA B 478 -32.99 6.50 -3.52
N ILE B 479 -32.15 7.39 -4.04
CA ILE B 479 -31.20 7.98 -3.12
C ILE B 479 -31.96 8.97 -2.25
N ARG B 480 -32.98 9.59 -2.86
CA ARG B 480 -33.76 10.57 -2.13
C ARG B 480 -34.51 9.93 -0.99
N ASP B 481 -35.02 8.71 -1.18
CA ASP B 481 -35.75 8.02 -0.11
C ASP B 481 -34.81 7.51 0.99
N GLU B 482 -33.57 7.18 0.63
CA GLU B 482 -32.63 6.68 1.62
C GLU B 482 -31.82 7.78 2.31
N PHE B 483 -31.39 8.79 1.54
CA PHE B 483 -30.52 9.84 2.08
C PHE B 483 -31.09 11.26 2.18
N GLY B 484 -32.23 11.54 1.53
CA GLY B 484 -32.77 12.88 1.64
C GLY B 484 -33.06 13.24 3.08
N ASP B 485 -32.93 14.52 3.41
CA ASP B 485 -33.23 14.93 4.77
C ASP B 485 -33.80 16.35 4.88
N GLU B 486 -34.25 16.68 6.08
CA GLU B 486 -34.87 17.97 6.39
C GLU B 486 -33.94 19.16 6.11
N ARG B 487 -34.50 20.26 5.65
CA ARG B 487 -33.72 21.46 5.42
C ARG B 487 -33.23 21.92 6.79
N ARG B 488 -31.97 22.36 6.87
CA ARG B 488 -31.40 22.79 8.14
C ARG B 488 -31.33 24.31 8.24
N THR B 489 -30.93 24.93 7.15
CA THR B 489 -30.74 26.37 7.05
C THR B 489 -32.05 27.08 6.71
N GLU B 490 -32.29 28.21 7.35
CA GLU B 490 -33.49 28.99 7.09
C GLU B 490 -33.15 30.12 6.14
N ILE B 491 -34.05 30.34 5.19
CA ILE B 491 -33.88 31.40 4.21
C ILE B 491 -34.87 32.54 4.48
N THR B 492 -34.39 33.77 4.67
CA THR B 492 -35.27 34.92 4.90
C THR B 492 -35.01 36.10 3.94
#